data_1LNT
# 
_entry.id   1LNT 
# 
_audit_conform.dict_name       mmcif_pdbx.dic 
_audit_conform.dict_version    5.386 
_audit_conform.dict_location   http://mmcif.pdb.org/dictionaries/ascii/mmcif_pdbx.dic 
# 
loop_
_database_2.database_id 
_database_2.database_code 
_database_2.pdbx_database_accession 
_database_2.pdbx_DOI 
PDB   1LNT         pdb_00001lnt 10.2210/pdb1lnt/pdb 
NDB   AR0041       ?            ?                   
RCSB  RCSB016117   ?            ?                   
WWPDB D_1000016117 ?            ?                   
# 
loop_
_pdbx_audit_revision_history.ordinal 
_pdbx_audit_revision_history.data_content_type 
_pdbx_audit_revision_history.major_revision 
_pdbx_audit_revision_history.minor_revision 
_pdbx_audit_revision_history.revision_date 
1 'Structure model' 1 0 2003-06-03 
2 'Structure model' 1 1 2008-04-28 
3 'Structure model' 1 2 2011-07-13 
4 'Structure model' 1 3 2011-11-02 
5 'Structure model' 1 4 2024-02-14 
# 
_pdbx_audit_revision_details.ordinal             1 
_pdbx_audit_revision_details.revision_ordinal    1 
_pdbx_audit_revision_details.data_content_type   'Structure model' 
_pdbx_audit_revision_details.provider            repository 
_pdbx_audit_revision_details.type                'Initial release' 
_pdbx_audit_revision_details.description         ? 
_pdbx_audit_revision_details.details             ? 
# 
loop_
_pdbx_audit_revision_group.ordinal 
_pdbx_audit_revision_group.revision_ordinal 
_pdbx_audit_revision_group.data_content_type 
_pdbx_audit_revision_group.group 
1 2 'Structure model' 'Version format compliance' 
2 3 'Structure model' 'Version format compliance' 
3 4 'Structure model' 'Non-polymer description'   
4 5 'Structure model' Advisory                    
5 5 'Structure model' 'Data collection'           
6 5 'Structure model' 'Database references'       
7 5 'Structure model' 'Derived calculations'      
# 
loop_
_pdbx_audit_revision_category.ordinal 
_pdbx_audit_revision_category.revision_ordinal 
_pdbx_audit_revision_category.data_content_type 
_pdbx_audit_revision_category.category 
1 5 'Structure model' chem_comp_atom                
2 5 'Structure model' chem_comp_bond                
3 5 'Structure model' database_2                    
4 5 'Structure model' pdbx_struct_conn_angle        
5 5 'Structure model' pdbx_validate_polymer_linkage 
6 5 'Structure model' struct_conn                   
7 5 'Structure model' struct_site                   
# 
loop_
_pdbx_audit_revision_item.ordinal 
_pdbx_audit_revision_item.revision_ordinal 
_pdbx_audit_revision_item.data_content_type 
_pdbx_audit_revision_item.item 
1  5 'Structure model' '_database_2.pdbx_DOI'                        
2  5 'Structure model' '_database_2.pdbx_database_accession'         
3  5 'Structure model' '_pdbx_struct_conn_angle.ptnr1_auth_asym_id'  
4  5 'Structure model' '_pdbx_struct_conn_angle.ptnr1_auth_comp_id'  
5  5 'Structure model' '_pdbx_struct_conn_angle.ptnr1_auth_seq_id'   
6  5 'Structure model' '_pdbx_struct_conn_angle.ptnr1_label_asym_id' 
7  5 'Structure model' '_pdbx_struct_conn_angle.ptnr1_label_atom_id' 
8  5 'Structure model' '_pdbx_struct_conn_angle.ptnr1_label_comp_id' 
9  5 'Structure model' '_pdbx_struct_conn_angle.ptnr1_label_seq_id'  
10 5 'Structure model' '_pdbx_struct_conn_angle.ptnr1_symmetry'      
11 5 'Structure model' '_pdbx_struct_conn_angle.ptnr2_auth_comp_id'  
12 5 'Structure model' '_pdbx_struct_conn_angle.ptnr2_auth_seq_id'   
13 5 'Structure model' '_pdbx_struct_conn_angle.ptnr2_label_asym_id' 
14 5 'Structure model' '_pdbx_struct_conn_angle.ptnr2_label_atom_id' 
15 5 'Structure model' '_pdbx_struct_conn_angle.ptnr2_label_comp_id' 
16 5 'Structure model' '_pdbx_struct_conn_angle.ptnr3_auth_asym_id'  
17 5 'Structure model' '_pdbx_struct_conn_angle.ptnr3_auth_comp_id'  
18 5 'Structure model' '_pdbx_struct_conn_angle.ptnr3_auth_seq_id'   
19 5 'Structure model' '_pdbx_struct_conn_angle.ptnr3_label_asym_id' 
20 5 'Structure model' '_pdbx_struct_conn_angle.ptnr3_label_atom_id' 
21 5 'Structure model' '_pdbx_struct_conn_angle.ptnr3_label_comp_id' 
22 5 'Structure model' '_pdbx_struct_conn_angle.ptnr3_label_seq_id'  
23 5 'Structure model' '_pdbx_struct_conn_angle.ptnr3_symmetry'      
24 5 'Structure model' '_pdbx_struct_conn_angle.value'               
25 5 'Structure model' '_struct_conn.conn_type_id'                   
26 5 'Structure model' '_struct_conn.id'                             
27 5 'Structure model' '_struct_conn.pdbx_dist_value'                
28 5 'Structure model' '_struct_conn.pdbx_leaving_atom_flag'         
29 5 'Structure model' '_struct_conn.ptnr1_auth_asym_id'             
30 5 'Structure model' '_struct_conn.ptnr1_auth_comp_id'             
31 5 'Structure model' '_struct_conn.ptnr1_auth_seq_id'              
32 5 'Structure model' '_struct_conn.ptnr1_label_asym_id'            
33 5 'Structure model' '_struct_conn.ptnr1_label_atom_id'            
34 5 'Structure model' '_struct_conn.ptnr1_label_comp_id'            
35 5 'Structure model' '_struct_conn.ptnr1_label_seq_id'             
36 5 'Structure model' '_struct_conn.ptnr2_auth_asym_id'             
37 5 'Structure model' '_struct_conn.ptnr2_auth_comp_id'             
38 5 'Structure model' '_struct_conn.ptnr2_auth_seq_id'              
39 5 'Structure model' '_struct_conn.ptnr2_label_asym_id'            
40 5 'Structure model' '_struct_conn.ptnr2_label_atom_id'            
41 5 'Structure model' '_struct_conn.ptnr2_label_comp_id'            
42 5 'Structure model' '_struct_conn.ptnr2_label_seq_id'             
43 5 'Structure model' '_struct_conn.ptnr2_symmetry'                 
44 5 'Structure model' '_struct_site.pdbx_auth_asym_id'              
45 5 'Structure model' '_struct_site.pdbx_auth_comp_id'              
46 5 'Structure model' '_struct_site.pdbx_auth_seq_id'               
# 
_pdbx_database_status.status_code                     REL 
_pdbx_database_status.entry_id                        1LNT 
_pdbx_database_status.recvd_initial_deposition_date   2002-05-03 
_pdbx_database_status.deposit_site                    RCSB 
_pdbx_database_status.process_site                    RCSB 
_pdbx_database_status.status_code_sf                  REL 
_pdbx_database_status.SG_entry                        . 
_pdbx_database_status.status_code_mr                  ? 
_pdbx_database_status.status_code_cs                  ? 
_pdbx_database_status.pdb_format_compatible           Y 
_pdbx_database_status.status_code_nmr_data            ? 
_pdbx_database_status.methods_development_category    ? 
# 
loop_
_audit_author.name 
_audit_author.pdbx_ordinal 
'Deng, J.'          1 
'Xiong, Y.'         2 
'Pan, B.'           3 
'Sundaralingam, M.' 4 
# 
_citation.id                        primary 
_citation.title                     'Structure of an RNA dodecamer containing a fragment from SRP domain IV of Escherichia coli.' 
_citation.journal_abbrev            'Acta Crystallogr.,Sect.D' 
_citation.journal_volume            59 
_citation.page_first                1004 
_citation.page_last                 1011 
_citation.year                      2003 
_citation.journal_id_ASTM           ABCRE6 
_citation.country                   DK 
_citation.journal_id_ISSN           0907-4449 
_citation.journal_id_CSD            0766 
_citation.book_publisher            ? 
_citation.pdbx_database_id_PubMed   12777762 
_citation.pdbx_database_id_DOI      10.1107/S0907444903006747 
# 
loop_
_citation_author.citation_id 
_citation_author.name 
_citation_author.ordinal 
_citation_author.identifier_ORCID 
primary 'Deng, J.'          1 ? 
primary 'Xiong, Y.'         2 ? 
primary 'Pan, B.'           3 ? 
primary 'Sundaralingam, M.' 4 ? 
# 
loop_
_entity.id 
_entity.type 
_entity.src_method 
_entity.pdbx_description 
_entity.formula_weight 
_entity.pdbx_number_of_molecules 
_entity.pdbx_ec 
_entity.pdbx_mutation 
_entity.pdbx_fragment 
_entity.details 
1 polymer     syn "5'-R(*GP*CP*GP*UP*CP*AP*GP*GP*UP*CP*(CBV)P*G)-3'" 3922.232 1   ? ? ? ? 
2 polymer     syn "5'-R(*CP*GP*GP*AP*AP*GP*CP*AP*GP*(CBV)P*GP*C)-3'" 3968.312 1   ? ? ? ? 
3 non-polymer syn 'MAGNESIUM ION'                                    24.305   4   ? ? ? ? 
4 non-polymer syn 'CALCIUM ION'                                      40.078   3   ? ? ? ? 
5 water       nat water                                              18.015   107 ? ? ? ? 
# 
loop_
_entity_poly.entity_id 
_entity_poly.type 
_entity_poly.nstd_linkage 
_entity_poly.nstd_monomer 
_entity_poly.pdbx_seq_one_letter_code 
_entity_poly.pdbx_seq_one_letter_code_can 
_entity_poly.pdbx_strand_id 
_entity_poly.pdbx_target_identifier 
1 polyribonucleotide no yes 'GCGUCAGGUC(CBV)G' GCGUCAGGUCCG A ? 
2 polyribonucleotide no yes 'CGGAAGCAG(CBV)GC' CGGAAGCAGCGC B ? 
# 
loop_
_pdbx_entity_nonpoly.entity_id 
_pdbx_entity_nonpoly.name 
_pdbx_entity_nonpoly.comp_id 
3 'MAGNESIUM ION' MG  
4 'CALCIUM ION'   CA  
5 water           HOH 
# 
loop_
_entity_poly_seq.entity_id 
_entity_poly_seq.num 
_entity_poly_seq.mon_id 
_entity_poly_seq.hetero 
1 1  G   n 
1 2  C   n 
1 3  G   n 
1 4  U   n 
1 5  C   n 
1 6  A   n 
1 7  G   n 
1 8  G   n 
1 9  U   n 
1 10 C   n 
1 11 CBV n 
1 12 G   n 
2 1  C   n 
2 2  G   n 
2 3  G   n 
2 4  A   n 
2 5  A   n 
2 6  G   n 
2 7  C   n 
2 8  A   n 
2 9  G   n 
2 10 CBV n 
2 11 G   n 
2 12 C   n 
# 
loop_
_chem_comp.id 
_chem_comp.type 
_chem_comp.mon_nstd_flag 
_chem_comp.name 
_chem_comp.pdbx_synonyms 
_chem_comp.formula 
_chem_comp.formula_weight 
A   'RNA linking' y "ADENOSINE-5'-MONOPHOSPHATE"                ? 'C10 H14 N5 O7 P'   347.221 
C   'RNA linking' y "CYTIDINE-5'-MONOPHOSPHATE"                 ? 'C9 H14 N3 O8 P'    323.197 
CA  non-polymer   . 'CALCIUM ION'                               ? 'Ca 2'              40.078  
CBV 'RNA linking' n 
;5-BROMOCYTIDINE 5'-(DIHYDROGEN PHOSPHATE)
;
? 'C9 H13 Br N3 O8 P' 402.093 
G   'RNA linking' y "GUANOSINE-5'-MONOPHOSPHATE"                ? 'C10 H14 N5 O8 P'   363.221 
HOH non-polymer   . WATER                                       ? 'H2 O'              18.015  
MG  non-polymer   . 'MAGNESIUM ION'                             ? 'Mg 2'              24.305  
U   'RNA linking' y "URIDINE-5'-MONOPHOSPHATE"                  ? 'C9 H13 N2 O9 P'    324.181 
# 
loop_
_pdbx_poly_seq_scheme.asym_id 
_pdbx_poly_seq_scheme.entity_id 
_pdbx_poly_seq_scheme.seq_id 
_pdbx_poly_seq_scheme.mon_id 
_pdbx_poly_seq_scheme.ndb_seq_num 
_pdbx_poly_seq_scheme.pdb_seq_num 
_pdbx_poly_seq_scheme.auth_seq_num 
_pdbx_poly_seq_scheme.pdb_mon_id 
_pdbx_poly_seq_scheme.auth_mon_id 
_pdbx_poly_seq_scheme.pdb_strand_id 
_pdbx_poly_seq_scheme.pdb_ins_code 
_pdbx_poly_seq_scheme.hetero 
A 1 1  G   1  1  1  G   G   A . n 
A 1 2  C   2  2  2  C   C   A . n 
A 1 3  G   3  3  3  G   G   A . n 
A 1 4  U   4  4  4  U   U   A . n 
A 1 5  C   5  5  5  C   C   A . n 
A 1 6  A   6  6  6  A   A   A . n 
A 1 7  G   7  7  7  G   G   A . n 
A 1 8  G   8  8  8  G   G   A . n 
A 1 9  U   9  9  9  U   U   A . n 
A 1 10 C   10 10 10 C   C   A . n 
A 1 11 CBV 11 11 11 CBV CBV A . n 
A 1 12 G   12 12 12 G   G   A . n 
B 2 1  C   1  13 13 C   C   B . n 
B 2 2  G   2  14 14 G   G   B . n 
B 2 3  G   3  15 15 G   G   B . n 
B 2 4  A   4  16 16 A   A   B . n 
B 2 5  A   5  17 17 A   A   B . n 
B 2 6  G   6  18 18 G   G   B . n 
B 2 7  C   7  19 19 C   C   B . n 
B 2 8  A   8  20 20 A   A   B . n 
B 2 9  G   9  21 21 G   G   B . n 
B 2 10 CBV 10 22 22 CBV CBV B . n 
B 2 11 G   11 23 23 G   G   B . n 
B 2 12 C   12 24 24 C   C   B . n 
# 
loop_
_pdbx_nonpoly_scheme.asym_id 
_pdbx_nonpoly_scheme.entity_id 
_pdbx_nonpoly_scheme.mon_id 
_pdbx_nonpoly_scheme.ndb_seq_num 
_pdbx_nonpoly_scheme.pdb_seq_num 
_pdbx_nonpoly_scheme.auth_seq_num 
_pdbx_nonpoly_scheme.pdb_mon_id 
_pdbx_nonpoly_scheme.auth_mon_id 
_pdbx_nonpoly_scheme.pdb_strand_id 
_pdbx_nonpoly_scheme.pdb_ins_code 
C 3 MG  1  102 102 MG  MG  A . 
D 3 MG  1  103 103 MG  MG  A . 
E 3 MG  1  104 104 MG  MG  A . 
F 4 CA  1  112 112 CA  CA  A . 
G 4 CA  1  113 113 CA  CA  A . 
H 3 MG  1  101 101 MG  MG  B . 
I 4 CA  1  111 111 CA  CA  B . 
J 5 HOH 1  201 201 HOH HOH A . 
J 5 HOH 2  203 203 HOH HOH A . 
J 5 HOH 3  206 206 HOH HOH A . 
J 5 HOH 4  208 208 HOH HOH A . 
J 5 HOH 5  210 210 HOH HOH A . 
J 5 HOH 6  212 212 HOH HOH A . 
J 5 HOH 7  214 214 HOH HOH A . 
J 5 HOH 8  216 216 HOH HOH A . 
J 5 HOH 9  217 217 HOH HOH A . 
J 5 HOH 10 220 220 HOH HOH A . 
J 5 HOH 11 227 227 HOH HOH A . 
J 5 HOH 12 228 228 HOH HOH A . 
J 5 HOH 13 229 229 HOH HOH A . 
J 5 HOH 14 230 230 HOH HOH A . 
J 5 HOH 15 232 232 HOH HOH A . 
J 5 HOH 16 233 233 HOH HOH A . 
J 5 HOH 17 234 234 HOH HOH A . 
J 5 HOH 18 235 235 HOH HOH A . 
J 5 HOH 19 236 236 HOH HOH A . 
J 5 HOH 20 240 240 HOH HOH A . 
J 5 HOH 21 242 242 HOH HOH A . 
J 5 HOH 22 243 243 HOH HOH A . 
J 5 HOH 23 244 244 HOH HOH A . 
J 5 HOH 24 245 245 HOH HOH A . 
J 5 HOH 25 246 246 HOH HOH A . 
J 5 HOH 26 247 247 HOH HOH A . 
J 5 HOH 27 248 248 HOH HOH A . 
J 5 HOH 28 256 256 HOH HOH A . 
J 5 HOH 29 257 257 HOH HOH A . 
J 5 HOH 30 258 258 HOH HOH A . 
J 5 HOH 31 259 259 HOH HOH A . 
J 5 HOH 32 261 261 HOH HOH A . 
J 5 HOH 33 262 262 HOH HOH A . 
J 5 HOH 34 265 265 HOH HOH A . 
J 5 HOH 35 270 270 HOH HOH A . 
J 5 HOH 36 273 273 HOH HOH A . 
J 5 HOH 37 276 276 HOH HOH A . 
J 5 HOH 38 278 278 HOH HOH A . 
J 5 HOH 39 279 279 HOH HOH A . 
J 5 HOH 40 280 280 HOH HOH A . 
J 5 HOH 41 285 285 HOH HOH A . 
J 5 HOH 42 286 286 HOH HOH A . 
J 5 HOH 43 287 287 HOH HOH A . 
J 5 HOH 44 291 291 HOH HOH A . 
J 5 HOH 45 292 292 HOH HOH A . 
J 5 HOH 46 293 293 HOH HOH A . 
J 5 HOH 47 294 294 HOH HOH A . 
J 5 HOH 48 298 298 HOH HOH A . 
J 5 HOH 49 300 300 HOH HOH A . 
J 5 HOH 50 302 302 HOH HOH A . 
J 5 HOH 51 306 306 HOH HOH A . 
J 5 HOH 52 307 307 HOH HOH A . 
J 5 HOH 53 309 309 HOH HOH A . 
J 5 HOH 54 310 310 HOH HOH A . 
J 5 HOH 55 311 311 HOH HOH A . 
K 5 HOH 1  202 202 HOH HOH B . 
K 5 HOH 2  204 204 HOH HOH B . 
K 5 HOH 3  205 205 HOH HOH B . 
K 5 HOH 4  207 207 HOH HOH B . 
K 5 HOH 5  209 209 HOH HOH B . 
K 5 HOH 6  213 213 HOH HOH B . 
K 5 HOH 7  215 215 HOH HOH B . 
K 5 HOH 8  218 218 HOH HOH B . 
K 5 HOH 9  219 219 HOH HOH B . 
K 5 HOH 10 221 221 HOH HOH B . 
K 5 HOH 11 222 222 HOH HOH B . 
K 5 HOH 12 223 223 HOH HOH B . 
K 5 HOH 13 224 224 HOH HOH B . 
K 5 HOH 14 225 225 HOH HOH B . 
K 5 HOH 15 226 226 HOH HOH B . 
K 5 HOH 16 231 231 HOH HOH B . 
K 5 HOH 17 237 237 HOH HOH B . 
K 5 HOH 18 238 238 HOH HOH B . 
K 5 HOH 19 239 239 HOH HOH B . 
K 5 HOH 20 241 241 HOH HOH B . 
K 5 HOH 21 249 249 HOH HOH B . 
K 5 HOH 22 250 250 HOH HOH B . 
K 5 HOH 23 251 251 HOH HOH B . 
K 5 HOH 24 252 252 HOH HOH B . 
K 5 HOH 25 253 253 HOH HOH B . 
K 5 HOH 26 254 254 HOH HOH B . 
K 5 HOH 27 255 255 HOH HOH B . 
K 5 HOH 28 260 260 HOH HOH B . 
K 5 HOH 29 263 263 HOH HOH B . 
K 5 HOH 30 266 266 HOH HOH B . 
K 5 HOH 31 267 267 HOH HOH B . 
K 5 HOH 32 268 268 HOH HOH B . 
K 5 HOH 33 269 269 HOH HOH B . 
K 5 HOH 34 271 271 HOH HOH B . 
K 5 HOH 35 272 272 HOH HOH B . 
K 5 HOH 36 274 274 HOH HOH B . 
K 5 HOH 37 275 275 HOH HOH B . 
K 5 HOH 38 277 277 HOH HOH B . 
K 5 HOH 39 281 281 HOH HOH B . 
K 5 HOH 40 282 282 HOH HOH B . 
K 5 HOH 41 283 283 HOH HOH B . 
K 5 HOH 42 284 284 HOH HOH B . 
K 5 HOH 43 288 288 HOH HOH B . 
K 5 HOH 44 290 290 HOH HOH B . 
K 5 HOH 45 295 295 HOH HOH B . 
K 5 HOH 46 296 296 HOH HOH B . 
K 5 HOH 47 297 297 HOH HOH B . 
K 5 HOH 48 299 299 HOH HOH B . 
K 5 HOH 49 301 301 HOH HOH B . 
K 5 HOH 50 303 303 HOH HOH B . 
K 5 HOH 51 304 304 HOH HOH B . 
K 5 HOH 52 308 308 HOH HOH B . 
# 
loop_
_pdbx_unobs_or_zero_occ_atoms.id 
_pdbx_unobs_or_zero_occ_atoms.PDB_model_num 
_pdbx_unobs_or_zero_occ_atoms.polymer_flag 
_pdbx_unobs_or_zero_occ_atoms.occupancy_flag 
_pdbx_unobs_or_zero_occ_atoms.auth_asym_id 
_pdbx_unobs_or_zero_occ_atoms.auth_comp_id 
_pdbx_unobs_or_zero_occ_atoms.auth_seq_id 
_pdbx_unobs_or_zero_occ_atoms.PDB_ins_code 
_pdbx_unobs_or_zero_occ_atoms.auth_atom_id 
_pdbx_unobs_or_zero_occ_atoms.label_alt_id 
_pdbx_unobs_or_zero_occ_atoms.label_asym_id 
_pdbx_unobs_or_zero_occ_atoms.label_comp_id 
_pdbx_unobs_or_zero_occ_atoms.label_seq_id 
_pdbx_unobs_or_zero_occ_atoms.label_atom_id 
1 1 Y 1 A CBV 11 ? "O2'" ? A CBV 11 "O2'" 
2 1 Y 1 B CBV 22 ? "O2'" ? B CBV 10 "O2'" 
# 
loop_
_software.name 
_software.classification 
_software.version 
_software.citation_id 
_software.pdbx_ordinal 
DENZO     'data reduction' .   ? 1 
SCALEPACK 'data scaling'   .   ? 2 
SOLVE     phasing          .   ? 3 
CNS       refinement       1.0 ? 4 
# 
_cell.entry_id           1LNT 
_cell.length_a           35.610 
_cell.length_b           35.610 
_cell.length_c           133.960 
_cell.angle_alpha        90.00 
_cell.angle_beta         90.00 
_cell.angle_gamma        90.00 
_cell.Z_PDB              8 
_cell.pdbx_unique_axis   ? 
# 
_symmetry.entry_id                         1LNT 
_symmetry.space_group_name_H-M             'P 43 2 2' 
_symmetry.pdbx_full_space_group_name_H-M   ? 
_symmetry.cell_setting                     ? 
_symmetry.Int_Tables_number                95 
# 
_exptl.entry_id          1LNT 
_exptl.method            'X-RAY DIFFRACTION' 
_exptl.crystals_number   1 
# 
_exptl_crystal.id                    1 
_exptl_crystal.density_meas          ? 
_exptl_crystal.density_percent_sol   54.29 
_exptl_crystal.density_Matthews      2.69 
_exptl_crystal.description           ? 
# 
_exptl_crystal_grow.crystal_id      1 
_exptl_crystal_grow.method          'VAPOR DIFFUSION, HANGING DROP' 
_exptl_crystal_grow.temp            298 
_exptl_crystal_grow.temp_details    ? 
_exptl_crystal_grow.pH              7.0 
_exptl_crystal_grow.pdbx_details    
'MPD, Cacodylate buffer, MgCl2, CaCl2, spermidine, pH 7.0, VAPOR DIFFUSION, HANGING DROP, temperature 298K' 
_exptl_crystal_grow.pdbx_pH_range   . 
# 
loop_
_exptl_crystal_grow_comp.crystal_id 
_exptl_crystal_grow_comp.id 
_exptl_crystal_grow_comp.sol_id 
_exptl_crystal_grow_comp.name 
_exptl_crystal_grow_comp.conc 
_exptl_crystal_grow_comp.volume 
_exptl_crystal_grow_comp.details 
1 1 1 MPD                 ? ? ? 
1 2 1 'Cacodylate buffer' ? ? ? 
1 3 1 MgCl2               ? ? ? 
1 4 1 CaCl2               ? ? ? 
1 5 1 spermidine          ? ? ? 
# 
_diffrn.id                     1 
_diffrn.ambient_temp           100 
_diffrn.ambient_temp_details   ? 
_diffrn.crystal_id             1 
# 
_diffrn_detector.diffrn_id              1 
_diffrn_detector.detector               CCD 
_diffrn_detector.type                   'ADSC QUANTUM 4' 
_diffrn_detector.pdbx_collection_date   2001-05-01 
_diffrn_detector.details                ? 
# 
_diffrn_radiation.diffrn_id                        1 
_diffrn_radiation.wavelength_id                    1 
_diffrn_radiation.pdbx_monochromatic_or_laue_m_l   M 
_diffrn_radiation.monochromator                    ? 
_diffrn_radiation.pdbx_diffrn_protocol             MAD 
_diffrn_radiation.pdbx_scattering_type             x-ray 
# 
loop_
_diffrn_radiation_wavelength.id 
_diffrn_radiation_wavelength.wavelength 
_diffrn_radiation_wavelength.wt 
1 0.9196 1.0 
2 0.9193 1.0 
3 0.8985 1.0 
# 
_diffrn_source.diffrn_id                   1 
_diffrn_source.source                      SYNCHROTRON 
_diffrn_source.type                        'APS BEAMLINE 14-BM-D' 
_diffrn_source.pdbx_synchrotron_site       APS 
_diffrn_source.pdbx_synchrotron_beamline   14-BM-D 
_diffrn_source.pdbx_wavelength             ? 
_diffrn_source.pdbx_wavelength_list        '0.9196, 0.9193, 0.8985' 
# 
_reflns.entry_id                     1LNT 
_reflns.observed_criterion_sigma_F   ? 
_reflns.observed_criterion_sigma_I   ? 
_reflns.d_resolution_high            1.7 
_reflns.d_resolution_low             50 
_reflns.number_all                   18100 
_reflns.number_obs                   18086 
_reflns.percent_possible_obs         99.9 
_reflns.pdbx_Rmerge_I_obs            ? 
_reflns.pdbx_Rsym_value              ? 
_reflns.pdbx_netI_over_sigmaI        ? 
_reflns.B_iso_Wilson_estimate        ? 
_reflns.pdbx_redundancy              ? 
_reflns.R_free_details               ? 
_reflns.pdbx_ordinal                 1 
_reflns.pdbx_diffrn_id               1 
# 
_refine.entry_id                                 1LNT 
_refine.ls_d_res_high                            1.7 
_refine.ls_d_res_low                             50 
_refine.pdbx_ls_sigma_F                          2 
_refine.pdbx_ls_sigma_I                          ? 
_refine.ls_number_reflns_all                     18086 
_refine.ls_number_reflns_obs                     17827 
_refine.ls_number_reflns_R_free                  1677 
_refine.ls_percent_reflns_obs                    ? 
_refine.ls_R_factor_all                          ? 
_refine.ls_R_factor_obs                          ? 
_refine.ls_R_factor_R_work                       0.2 
_refine.ls_R_factor_R_free                       0.225 
_refine.ls_redundancy_reflns_obs                 ? 
_refine.pdbx_data_cutoff_high_absF               ? 
_refine.pdbx_data_cutoff_low_absF                ? 
_refine.ls_number_parameters                     ? 
_refine.ls_number_restraints                     ? 
_refine.ls_percent_reflns_R_free                 ? 
_refine.ls_R_factor_R_free_error                 ? 
_refine.ls_R_factor_R_free_error_details         ? 
_refine.pdbx_method_to_determine_struct          MAD 
_refine.pdbx_starting_model                      ? 
_refine.pdbx_ls_cross_valid_method               ? 
_refine.pdbx_R_Free_selection_details            ? 
_refine.pdbx_stereochem_target_val_spec_case     ? 
_refine.pdbx_stereochemistry_target_values       'Engh & Huber' 
_refine.solvent_model_details                    ? 
_refine.solvent_model_param_bsol                 ? 
_refine.solvent_model_param_ksol                 ? 
_refine.occupancy_max                            ? 
_refine.occupancy_min                            ? 
_refine.pdbx_isotropic_thermal_model             ? 
_refine.B_iso_mean                               ? 
_refine.aniso_B[1][1]                            ? 
_refine.aniso_B[1][2]                            ? 
_refine.aniso_B[1][3]                            ? 
_refine.aniso_B[2][2]                            ? 
_refine.aniso_B[2][3]                            ? 
_refine.aniso_B[3][3]                            ? 
_refine.details                                  ? 
_refine.correlation_coeff_Fo_to_Fc               ? 
_refine.correlation_coeff_Fo_to_Fc_free          ? 
_refine.pdbx_solvent_vdw_probe_radii             ? 
_refine.pdbx_solvent_ion_probe_radii             ? 
_refine.pdbx_solvent_shrinkage_radii             ? 
_refine.overall_SU_R_Cruickshank_DPI             ? 
_refine.overall_SU_R_free                        ? 
_refine.overall_SU_B                             ? 
_refine.overall_SU_ML                            ? 
_refine.pdbx_overall_ESU_R                       ? 
_refine.pdbx_overall_ESU_R_Free                  ? 
_refine.pdbx_data_cutoff_high_rms_absF           ? 
_refine.pdbx_refine_id                           'X-RAY DIFFRACTION' 
_refine.pdbx_diffrn_id                           1 
_refine.pdbx_TLS_residual_ADP_flag               ? 
_refine.pdbx_overall_phase_error                 ? 
_refine.pdbx_overall_SU_R_free_Cruickshank_DPI   ? 
_refine.pdbx_overall_SU_R_Blow_DPI               ? 
_refine.pdbx_overall_SU_R_free_Blow_DPI          ? 
# 
_refine_hist.pdbx_refine_id                   'X-RAY DIFFRACTION' 
_refine_hist.cycle_id                         LAST 
_refine_hist.pdbx_number_atoms_protein        0 
_refine_hist.pdbx_number_atoms_nucleic_acid   512 
_refine_hist.pdbx_number_atoms_ligand         7 
_refine_hist.number_atoms_solvent             107 
_refine_hist.number_atoms_total               626 
_refine_hist.d_res_high                       1.7 
_refine_hist.d_res_low                        50 
# 
loop_
_refine_ls_restr.type 
_refine_ls_restr.dev_ideal 
_refine_ls_restr.dev_ideal_target 
_refine_ls_restr.weight 
_refine_ls_restr.number 
_refine_ls_restr.pdbx_refine_id 
_refine_ls_restr.pdbx_restraint_function 
c_bond_d    0.0116 ? ? ? 'X-RAY DIFFRACTION' ? 
c_angle_deg 1.645  ? ? ? 'X-RAY DIFFRACTION' ? 
# 
_struct.entry_id                  1LNT 
_struct.title                     'Crystal Structure of the Highly Conserved RNA Internal Loop of SRP' 
_struct.pdbx_model_details        ? 
_struct.pdbx_CASP_flag            ? 
_struct.pdbx_model_type_details   ? 
# 
_struct_keywords.entry_id        1LNT 
_struct_keywords.pdbx_keywords   RNA 
_struct_keywords.text            'SRP, internal loop, mispair, RNA' 
# 
loop_
_struct_asym.id 
_struct_asym.pdbx_blank_PDB_chainid_flag 
_struct_asym.pdbx_modified 
_struct_asym.entity_id 
_struct_asym.details 
A N N 1 ? 
B N N 2 ? 
C N N 3 ? 
D N N 3 ? 
E N N 3 ? 
F N N 4 ? 
G N N 4 ? 
H N N 3 ? 
I N N 4 ? 
J N N 5 ? 
K N N 5 ? 
# 
loop_
_struct_ref.id 
_struct_ref.entity_id 
_struct_ref.db_name 
_struct_ref.db_code 
_struct_ref.pdbx_db_accession 
_struct_ref.pdbx_db_isoform 
_struct_ref.pdbx_seq_one_letter_code 
_struct_ref.pdbx_align_begin 
1 1 PDB 1LNT 1LNT ? ? ? 
2 2 PDB 1LNT 1LNT ? ? ? 
# 
loop_
_struct_ref_seq.align_id 
_struct_ref_seq.ref_id 
_struct_ref_seq.pdbx_PDB_id_code 
_struct_ref_seq.pdbx_strand_id 
_struct_ref_seq.seq_align_beg 
_struct_ref_seq.pdbx_seq_align_beg_ins_code 
_struct_ref_seq.seq_align_end 
_struct_ref_seq.pdbx_seq_align_end_ins_code 
_struct_ref_seq.pdbx_db_accession 
_struct_ref_seq.db_align_beg 
_struct_ref_seq.pdbx_db_align_beg_ins_code 
_struct_ref_seq.db_align_end 
_struct_ref_seq.pdbx_db_align_end_ins_code 
_struct_ref_seq.pdbx_auth_seq_align_beg 
_struct_ref_seq.pdbx_auth_seq_align_end 
1 1 1LNT A 1 ? 12 ? 1LNT 1  ? 12 ? 1  12 
2 2 1LNT B 1 ? 12 ? 1LNT 13 ? 24 ? 13 24 
# 
_pdbx_struct_assembly.id                   1 
_pdbx_struct_assembly.details              author_defined_assembly 
_pdbx_struct_assembly.method_details       ? 
_pdbx_struct_assembly.oligomeric_details   dimeric 
_pdbx_struct_assembly.oligomeric_count     2 
# 
_pdbx_struct_assembly_gen.assembly_id       1 
_pdbx_struct_assembly_gen.oper_expression   1 
_pdbx_struct_assembly_gen.asym_id_list      A,B,C,D,E,F,G,H,I,J,K 
# 
_pdbx_struct_oper_list.id                   1 
_pdbx_struct_oper_list.type                 'identity operation' 
_pdbx_struct_oper_list.name                 1_555 
_pdbx_struct_oper_list.symmetry_operation   x,y,z 
_pdbx_struct_oper_list.matrix[1][1]         1.0000000000 
_pdbx_struct_oper_list.matrix[1][2]         0.0000000000 
_pdbx_struct_oper_list.matrix[1][3]         0.0000000000 
_pdbx_struct_oper_list.vector[1]            0.0000000000 
_pdbx_struct_oper_list.matrix[2][1]         0.0000000000 
_pdbx_struct_oper_list.matrix[2][2]         1.0000000000 
_pdbx_struct_oper_list.matrix[2][3]         0.0000000000 
_pdbx_struct_oper_list.vector[2]            0.0000000000 
_pdbx_struct_oper_list.matrix[3][1]         0.0000000000 
_pdbx_struct_oper_list.matrix[3][2]         0.0000000000 
_pdbx_struct_oper_list.matrix[3][3]         1.0000000000 
_pdbx_struct_oper_list.vector[3]            0.0000000000 
# 
_struct_biol.id   1 
# 
loop_
_struct_conn.id 
_struct_conn.conn_type_id 
_struct_conn.pdbx_leaving_atom_flag 
_struct_conn.pdbx_PDB_id 
_struct_conn.ptnr1_label_asym_id 
_struct_conn.ptnr1_label_comp_id 
_struct_conn.ptnr1_label_seq_id 
_struct_conn.ptnr1_label_atom_id 
_struct_conn.pdbx_ptnr1_label_alt_id 
_struct_conn.pdbx_ptnr1_PDB_ins_code 
_struct_conn.pdbx_ptnr1_standard_comp_id 
_struct_conn.ptnr1_symmetry 
_struct_conn.ptnr2_label_asym_id 
_struct_conn.ptnr2_label_comp_id 
_struct_conn.ptnr2_label_seq_id 
_struct_conn.ptnr2_label_atom_id 
_struct_conn.pdbx_ptnr2_label_alt_id 
_struct_conn.pdbx_ptnr2_PDB_ins_code 
_struct_conn.ptnr1_auth_asym_id 
_struct_conn.ptnr1_auth_comp_id 
_struct_conn.ptnr1_auth_seq_id 
_struct_conn.ptnr2_auth_asym_id 
_struct_conn.ptnr2_auth_comp_id 
_struct_conn.ptnr2_auth_seq_id 
_struct_conn.ptnr2_symmetry 
_struct_conn.pdbx_ptnr3_label_atom_id 
_struct_conn.pdbx_ptnr3_label_seq_id 
_struct_conn.pdbx_ptnr3_label_comp_id 
_struct_conn.pdbx_ptnr3_label_asym_id 
_struct_conn.pdbx_ptnr3_label_alt_id 
_struct_conn.pdbx_ptnr3_PDB_ins_code 
_struct_conn.details 
_struct_conn.pdbx_dist_value 
_struct_conn.pdbx_value_order 
_struct_conn.pdbx_role 
covale1  covale both ? A C   10 "O3'" ? ? ? 1_555 A CBV 11 P  ? ? A C   10  A CBV 11  1_555 ? ? ? ? ? ? ?             1.636 ? ? 
covale2  covale one  ? A CBV 11 "O3'" ? ? ? 1_555 A G   12 P  ? ? A CBV 11  A G   12  1_555 ? ? ? ? ? ? ?             1.752 ? ? 
covale3  covale both ? B G   9  "O3'" ? ? ? 1_555 B CBV 10 P  ? ? B G   21  B CBV 22  1_555 ? ? ? ? ? ? ?             1.608 ? ? 
covale4  covale one  ? B CBV 10 "O3'" ? ? ? 1_555 B G   11 P  ? ? B CBV 22  B G   23  1_555 ? ? ? ? ? ? ?             1.773 ? ? 
metalc1  metalc ?    ? A G   7  OP2   ? ? ? 1_555 F CA  .  CA ? ? A G   7   A CA  112 1_555 ? ? ? ? ? ? ?             2.610 ? ? 
metalc2  metalc ?    ? C MG  .  MG    ? ? ? 1_555 J HOH .  O  ? ? A MG  102 A HOH 208 1_555 ? ? ? ? ? ? ?             2.010 ? ? 
metalc3  metalc ?    ? C MG  .  MG    ? ? ? 1_555 J HOH .  O  ? ? A MG  102 A HOH 208 7_555 ? ? ? ? ? ? ?             2.018 ? ? 
metalc4  metalc ?    ? C MG  .  MG    ? ? ? 1_555 J HOH .  O  ? ? A MG  102 A HOH 280 1_555 ? ? ? ? ? ? ?             1.866 ? ? 
metalc5  metalc ?    ? C MG  .  MG    ? ? ? 1_555 J HOH .  O  ? ? A MG  102 A HOH 280 7_555 ? ? ? ? ? ? ?             1.871 ? ? 
metalc6  metalc ?    ? D MG  .  MG    ? ? ? 1_555 J HOH .  O  ? ? A MG  103 A HOH 270 1_555 ? ? ? ? ? ? ?             2.078 ? ? 
metalc7  metalc ?    ? D MG  .  MG    ? ? ? 1_555 K HOH .  O  ? ? A MG  103 B HOH 260 1_555 ? ? ? ? ? ? ?             2.626 ? ? 
metalc8  metalc ?    ? D MG  .  MG    ? ? ? 1_555 K HOH .  O  ? ? A MG  103 B HOH 271 1_555 ? ? ? ? ? ? ?             2.330 ? ? 
metalc9  metalc ?    ? D MG  .  MG    ? ? ? 1_555 K HOH .  O  ? ? A MG  103 B HOH 308 1_555 ? ? ? ? ? ? ?             2.452 ? ? 
metalc10 metalc ?    ? E MG  .  MG    ? ? ? 1_555 J HOH .  O  ? ? A MG  104 A HOH 220 1_555 ? ? ? ? ? ? ?             1.971 ? ? 
metalc11 metalc ?    ? E MG  .  MG    ? ? ? 1_555 J HOH .  O  ? ? A MG  104 A HOH 234 1_555 ? ? ? ? ? ? ?             2.207 ? ? 
metalc12 metalc ?    ? E MG  .  MG    ? ? ? 1_555 J HOH .  O  ? ? A MG  104 A HOH 243 1_555 ? ? ? ? ? ? ?             2.231 ? ? 
metalc13 metalc ?    ? E MG  .  MG    ? ? ? 1_555 J HOH .  O  ? ? A MG  104 A HOH 245 1_555 ? ? ? ? ? ? ?             2.464 ? ? 
metalc14 metalc ?    ? F CA  .  CA    ? ? ? 1_555 J HOH .  O  ? ? A CA  112 A HOH 236 1_555 ? ? ? ? ? ? ?             1.887 ? ? 
metalc15 metalc ?    ? F CA  .  CA    ? ? ? 1_555 J HOH .  O  ? ? A CA  112 A HOH 240 1_555 ? ? ? ? ? ? ?             2.407 ? ? 
metalc16 metalc ?    ? F CA  .  CA    ? ? ? 1_555 J HOH .  O  ? ? A CA  112 A HOH 242 1_555 ? ? ? ? ? ? ?             2.249 ? ? 
metalc17 metalc ?    ? F CA  .  CA    ? ? ? 1_555 J HOH .  O  ? ? A CA  112 A HOH 247 1_555 ? ? ? ? ? ? ?             2.639 ? ? 
metalc18 metalc ?    ? F CA  .  CA    ? ? ? 1_555 J HOH .  O  ? ? A CA  112 A HOH 261 1_555 ? ? ? ? ? ? ?             2.084 ? ? 
metalc19 metalc ?    ? F CA  .  CA    ? ? ? 1_555 J HOH .  O  ? ? A CA  112 A HOH 262 1_555 ? ? ? ? ? ? ?             2.269 ? ? 
metalc20 metalc ?    ? G CA  .  CA    ? ? ? 1_555 J HOH .  O  ? ? A CA  113 A HOH 214 1_555 ? ? ? ? ? ? ?             2.298 ? ? 
metalc21 metalc ?    ? G CA  .  CA    ? ? ? 1_555 J HOH .  O  ? ? A CA  113 A HOH 214 7_555 ? ? ? ? ? ? ?             2.298 ? ? 
metalc22 metalc ?    ? G CA  .  CA    ? ? ? 1_555 J HOH .  O  ? ? A CA  113 A HOH 233 1_555 ? ? ? ? ? ? ?             2.487 ? ? 
metalc23 metalc ?    ? G CA  .  CA    ? ? ? 1_555 J HOH .  O  ? ? A CA  113 A HOH 233 7_555 ? ? ? ? ? ? ?             2.487 ? ? 
metalc24 metalc ?    ? G CA  .  CA    ? ? ? 1_555 J HOH .  O  ? ? A CA  113 A HOH 234 1_555 ? ? ? ? ? ? ?             2.066 ? ? 
metalc25 metalc ?    ? G CA  .  CA    ? ? ? 1_555 J HOH .  O  ? ? A CA  113 A HOH 234 7_555 ? ? ? ? ? ? ?             2.066 ? ? 
metalc26 metalc ?    ? H MG  .  MG    ? ? ? 1_555 K HOH .  O  ? ? B MG  101 B HOH 250 1_555 ? ? ? ? ? ? ?             2.142 ? ? 
metalc27 metalc ?    ? H MG  .  MG    ? ? ? 1_555 K HOH .  O  ? ? B MG  101 B HOH 255 1_555 ? ? ? ? ? ? ?             2.002 ? ? 
metalc28 metalc ?    ? H MG  .  MG    ? ? ? 1_555 K HOH .  O  ? ? B MG  101 B HOH 269 1_555 ? ? ? ? ? ? ?             1.861 ? ? 
metalc29 metalc ?    ? H MG  .  MG    ? ? ? 1_555 K HOH .  O  ? ? B MG  101 B HOH 272 1_555 ? ? ? ? ? ? ?             2.644 ? ? 
metalc30 metalc ?    ? I CA  .  CA    ? ? ? 1_555 K HOH .  O  ? ? B CA  111 B HOH 213 1_555 ? ? ? ? ? ? ?             2.180 ? ? 
metalc31 metalc ?    ? I CA  .  CA    ? ? ? 1_555 K HOH .  O  ? ? B CA  111 B HOH 218 1_555 ? ? ? ? ? ? ?             2.103 ? ? 
metalc32 metalc ?    ? I CA  .  CA    ? ? ? 1_555 K HOH .  O  ? ? B CA  111 B HOH 219 1_555 ? ? ? ? ? ? ?             2.026 ? ? 
metalc33 metalc ?    ? I CA  .  CA    ? ? ? 1_555 K HOH .  O  ? ? B CA  111 B HOH 222 1_555 ? ? ? ? ? ? ?             2.286 ? ? 
metalc34 metalc ?    ? I CA  .  CA    ? ? ? 1_555 K HOH .  O  ? ? B CA  111 B HOH 263 1_555 ? ? ? ? ? ? ?             1.743 ? ? 
hydrog1  hydrog ?    ? A G   1  N1    ? ? ? 1_555 B C   12 N3 ? ? A G   1   B C   24  1_555 ? ? ? ? ? ? WATSON-CRICK  ?     ? ? 
hydrog2  hydrog ?    ? A G   1  N2    ? ? ? 1_555 B C   12 O2 ? ? A G   1   B C   24  1_555 ? ? ? ? ? ? WATSON-CRICK  ?     ? ? 
hydrog3  hydrog ?    ? A G   1  O6    ? ? ? 1_555 B C   12 N4 ? ? A G   1   B C   24  1_555 ? ? ? ? ? ? WATSON-CRICK  ?     ? ? 
hydrog4  hydrog ?    ? A C   2  N3    ? ? ? 1_555 B G   11 N1 ? ? A C   2   B G   23  1_555 ? ? ? ? ? ? WATSON-CRICK  ?     ? ? 
hydrog5  hydrog ?    ? A C   2  N4    ? ? ? 1_555 B G   11 O6 ? ? A C   2   B G   23  1_555 ? ? ? ? ? ? WATSON-CRICK  ?     ? ? 
hydrog6  hydrog ?    ? A C   2  O2    ? ? ? 1_555 B G   11 N2 ? ? A C   2   B G   23  1_555 ? ? ? ? ? ? WATSON-CRICK  ?     ? ? 
hydrog7  hydrog ?    ? A G   3  N1    ? ? ? 1_555 B CBV 10 N3 ? ? A G   3   B CBV 22  1_555 ? ? ? ? ? ? WATSON-CRICK  ?     ? ? 
hydrog8  hydrog ?    ? A G   3  N2    ? ? ? 1_555 B CBV 10 O2 ? ? A G   3   B CBV 22  1_555 ? ? ? ? ? ? WATSON-CRICK  ?     ? ? 
hydrog9  hydrog ?    ? A G   3  O6    ? ? ? 1_555 B CBV 10 N4 ? ? A G   3   B CBV 22  1_555 ? ? ? ? ? ? WATSON-CRICK  ?     ? ? 
hydrog10 hydrog ?    ? A U   4  N3    ? ? ? 1_555 B G   9  O6 ? ? A U   4   B G   21  1_555 ? ? ? ? ? ? TYPE_28_PAIR  ?     ? ? 
hydrog11 hydrog ?    ? A U   4  O2    ? ? ? 1_555 B G   9  N1 ? ? A U   4   B G   21  1_555 ? ? ? ? ? ? TYPE_28_PAIR  ?     ? ? 
hydrog12 hydrog ?    ? A C   5  O2    ? ? ? 1_555 B C   7  N4 ? ? A C   5   B C   19  1_555 ? ? ? ? ? ? 'C-C MISPAIR' ?     ? ? 
hydrog13 hydrog ?    ? A C   5  O2    ? ? ? 1_555 B A   8  N6 ? ? A C   5   B A   20  1_555 ? ? ? ? ? ? 'C-A MISPAIR' ?     ? ? 
hydrog14 hydrog ?    ? A A   6  N6    ? ? ? 1_555 B C   7  N3 ? ? A A   6   B C   19  1_555 ? ? ? ? ? ? TYPE_25_PAIR  ?     ? ? 
hydrog15 hydrog ?    ? A A   6  N7    ? ? ? 1_555 B C   7  N4 ? ? A A   6   B C   19  1_555 ? ? ? ? ? ? TYPE_25_PAIR  ?     ? ? 
hydrog16 hydrog ?    ? A G   7  O6    ? ? ? 1_555 B G   6  N2 ? ? A G   7   B G   18  1_555 ? ? ? ? ? ? 'G-G MISPAIR' ?     ? ? 
hydrog17 hydrog ?    ? A G   8  N1    ? ? ? 1_555 B A   5  N1 ? ? A G   8   B A   17  1_555 ? ? ? ? ? ? TYPE_8_PAIR   ?     ? ? 
hydrog18 hydrog ?    ? A G   8  O6    ? ? ? 1_555 B A   5  N6 ? ? A G   8   B A   17  1_555 ? ? ? ? ? ? TYPE_8_PAIR   ?     ? ? 
hydrog19 hydrog ?    ? A U   9  N3    ? ? ? 1_555 B A   4  N1 ? ? A U   9   B A   16  1_555 ? ? ? ? ? ? WATSON-CRICK  ?     ? ? 
hydrog20 hydrog ?    ? A U   9  O4    ? ? ? 1_555 B A   4  N6 ? ? A U   9   B A   16  1_555 ? ? ? ? ? ? WATSON-CRICK  ?     ? ? 
hydrog21 hydrog ?    ? A C   10 N3    ? ? ? 1_555 B G   3  N1 ? ? A C   10  B G   15  1_555 ? ? ? ? ? ? WATSON-CRICK  ?     ? ? 
hydrog22 hydrog ?    ? A C   10 N4    ? ? ? 1_555 B G   3  O6 ? ? A C   10  B G   15  1_555 ? ? ? ? ? ? WATSON-CRICK  ?     ? ? 
hydrog23 hydrog ?    ? A C   10 O2    ? ? ? 1_555 B G   3  N2 ? ? A C   10  B G   15  1_555 ? ? ? ? ? ? WATSON-CRICK  ?     ? ? 
hydrog24 hydrog ?    ? A CBV 11 N3    ? ? ? 1_555 B G   2  N1 ? ? A CBV 11  B G   14  1_555 ? ? ? ? ? ? WATSON-CRICK  ?     ? ? 
hydrog25 hydrog ?    ? A CBV 11 N4    ? ? ? 1_555 B G   2  O6 ? ? A CBV 11  B G   14  1_555 ? ? ? ? ? ? WATSON-CRICK  ?     ? ? 
hydrog26 hydrog ?    ? A CBV 11 O2    ? ? ? 1_555 B G   2  N2 ? ? A CBV 11  B G   14  1_555 ? ? ? ? ? ? WATSON-CRICK  ?     ? ? 
hydrog27 hydrog ?    ? A G   12 N1    ? ? ? 1_555 B C   1  N3 ? ? A G   12  B C   13  1_555 ? ? ? ? ? ? WATSON-CRICK  ?     ? ? 
hydrog28 hydrog ?    ? A G   12 N2    ? ? ? 1_555 B C   1  O2 ? ? A G   12  B C   13  1_555 ? ? ? ? ? ? WATSON-CRICK  ?     ? ? 
hydrog29 hydrog ?    ? A G   12 O6    ? ? ? 1_555 B C   1  N4 ? ? A G   12  B C   13  1_555 ? ? ? ? ? ? WATSON-CRICK  ?     ? ? 
# 
loop_
_struct_conn_type.id 
_struct_conn_type.criteria 
_struct_conn_type.reference 
covale ? ? 
metalc ? ? 
hydrog ? ? 
# 
loop_
_pdbx_struct_conn_angle.id 
_pdbx_struct_conn_angle.ptnr1_label_atom_id 
_pdbx_struct_conn_angle.ptnr1_label_alt_id 
_pdbx_struct_conn_angle.ptnr1_label_asym_id 
_pdbx_struct_conn_angle.ptnr1_label_comp_id 
_pdbx_struct_conn_angle.ptnr1_label_seq_id 
_pdbx_struct_conn_angle.ptnr1_auth_atom_id 
_pdbx_struct_conn_angle.ptnr1_auth_asym_id 
_pdbx_struct_conn_angle.ptnr1_auth_comp_id 
_pdbx_struct_conn_angle.ptnr1_auth_seq_id 
_pdbx_struct_conn_angle.ptnr1_PDB_ins_code 
_pdbx_struct_conn_angle.ptnr1_symmetry 
_pdbx_struct_conn_angle.ptnr2_label_atom_id 
_pdbx_struct_conn_angle.ptnr2_label_alt_id 
_pdbx_struct_conn_angle.ptnr2_label_asym_id 
_pdbx_struct_conn_angle.ptnr2_label_comp_id 
_pdbx_struct_conn_angle.ptnr2_label_seq_id 
_pdbx_struct_conn_angle.ptnr2_auth_atom_id 
_pdbx_struct_conn_angle.ptnr2_auth_asym_id 
_pdbx_struct_conn_angle.ptnr2_auth_comp_id 
_pdbx_struct_conn_angle.ptnr2_auth_seq_id 
_pdbx_struct_conn_angle.ptnr2_PDB_ins_code 
_pdbx_struct_conn_angle.ptnr2_symmetry 
_pdbx_struct_conn_angle.ptnr3_label_atom_id 
_pdbx_struct_conn_angle.ptnr3_label_alt_id 
_pdbx_struct_conn_angle.ptnr3_label_asym_id 
_pdbx_struct_conn_angle.ptnr3_label_comp_id 
_pdbx_struct_conn_angle.ptnr3_label_seq_id 
_pdbx_struct_conn_angle.ptnr3_auth_atom_id 
_pdbx_struct_conn_angle.ptnr3_auth_asym_id 
_pdbx_struct_conn_angle.ptnr3_auth_comp_id 
_pdbx_struct_conn_angle.ptnr3_auth_seq_id 
_pdbx_struct_conn_angle.ptnr3_PDB_ins_code 
_pdbx_struct_conn_angle.ptnr3_symmetry 
_pdbx_struct_conn_angle.value 
_pdbx_struct_conn_angle.value_esd 
1  OP2 ? A G   7 ? A G   7   ? 1_555 CA ? F CA . ? A CA 112 ? 1_555 O ? J HOH . ? A HOH 236 ? 1_555 100.4 ? 
2  OP2 ? A G   7 ? A G   7   ? 1_555 CA ? F CA . ? A CA 112 ? 1_555 O ? J HOH . ? A HOH 240 ? 1_555 70.3  ? 
3  O   ? J HOH . ? A HOH 236 ? 1_555 CA ? F CA . ? A CA 112 ? 1_555 O ? J HOH . ? A HOH 240 ? 1_555 78.4  ? 
4  OP2 ? A G   7 ? A G   7   ? 1_555 CA ? F CA . ? A CA 112 ? 1_555 O ? J HOH . ? A HOH 242 ? 1_555 138.8 ? 
5  O   ? J HOH . ? A HOH 236 ? 1_555 CA ? F CA . ? A CA 112 ? 1_555 O ? J HOH . ? A HOH 242 ? 1_555 84.2  ? 
6  O   ? J HOH . ? A HOH 240 ? 1_555 CA ? F CA . ? A CA 112 ? 1_555 O ? J HOH . ? A HOH 242 ? 1_555 70.7  ? 
7  OP2 ? A G   7 ? A G   7   ? 1_555 CA ? F CA . ? A CA 112 ? 1_555 O ? J HOH . ? A HOH 247 ? 1_555 71.7  ? 
8  O   ? J HOH . ? A HOH 236 ? 1_555 CA ? F CA . ? A CA 112 ? 1_555 O ? J HOH . ? A HOH 247 ? 1_555 139.7 ? 
9  O   ? J HOH . ? A HOH 240 ? 1_555 CA ? F CA . ? A CA 112 ? 1_555 O ? J HOH . ? A HOH 247 ? 1_555 61.6  ? 
10 O   ? J HOH . ? A HOH 242 ? 1_555 CA ? F CA . ? A CA 112 ? 1_555 O ? J HOH . ? A HOH 247 ? 1_555 78.6  ? 
11 OP2 ? A G   7 ? A G   7   ? 1_555 CA ? F CA . ? A CA 112 ? 1_555 O ? J HOH . ? A HOH 261 ? 1_555 75.9  ? 
12 O   ? J HOH . ? A HOH 236 ? 1_555 CA ? F CA . ? A CA 112 ? 1_555 O ? J HOH . ? A HOH 261 ? 1_555 144.7 ? 
13 O   ? J HOH . ? A HOH 240 ? 1_555 CA ? F CA . ? A CA 112 ? 1_555 O ? J HOH . ? A HOH 261 ? 1_555 129.9 ? 
14 O   ? J HOH . ? A HOH 242 ? 1_555 CA ? F CA . ? A CA 112 ? 1_555 O ? J HOH . ? A HOH 261 ? 1_555 122.0 ? 
15 O   ? J HOH . ? A HOH 247 ? 1_555 CA ? F CA . ? A CA 112 ? 1_555 O ? J HOH . ? A HOH 261 ? 1_555 73.4  ? 
16 OP2 ? A G   7 ? A G   7   ? 1_555 CA ? F CA . ? A CA 112 ? 1_555 O ? J HOH . ? A HOH 262 ? 1_555 131.4 ? 
17 O   ? J HOH . ? A HOH 236 ? 1_555 CA ? F CA . ? A CA 112 ? 1_555 O ? J HOH . ? A HOH 262 ? 1_555 97.0  ? 
18 O   ? J HOH . ? A HOH 240 ? 1_555 CA ? F CA . ? A CA 112 ? 1_555 O ? J HOH . ? A HOH 262 ? 1_555 158.3 ? 
19 O   ? J HOH . ? A HOH 242 ? 1_555 CA ? F CA . ? A CA 112 ? 1_555 O ? J HOH . ? A HOH 262 ? 1_555 87.8  ? 
20 O   ? J HOH . ? A HOH 247 ? 1_555 CA ? F CA . ? A CA 112 ? 1_555 O ? J HOH . ? A HOH 262 ? 1_555 118.2 ? 
21 O   ? J HOH . ? A HOH 261 ? 1_555 CA ? F CA . ? A CA 112 ? 1_555 O ? J HOH . ? A HOH 262 ? 1_555 64.2  ? 
22 O   ? J HOH . ? A HOH 208 ? 1_555 MG ? C MG . ? A MG 102 ? 1_555 O ? J HOH . ? A HOH 208 ? 7_555 153.5 ? 
23 O   ? J HOH . ? A HOH 208 ? 1_555 MG ? C MG . ? A MG 102 ? 1_555 O ? J HOH . ? A HOH 280 ? 1_555 72.9  ? 
24 O   ? J HOH . ? A HOH 208 ? 7_555 MG ? C MG . ? A MG 102 ? 1_555 O ? J HOH . ? A HOH 280 ? 1_555 101.2 ? 
25 O   ? J HOH . ? A HOH 208 ? 1_555 MG ? C MG . ? A MG 102 ? 1_555 O ? J HOH . ? A HOH 280 ? 7_555 101.3 ? 
26 O   ? J HOH . ? A HOH 208 ? 7_555 MG ? C MG . ? A MG 102 ? 1_555 O ? J HOH . ? A HOH 280 ? 7_555 72.7  ? 
27 O   ? J HOH . ? A HOH 280 ? 1_555 MG ? C MG . ? A MG 102 ? 1_555 O ? J HOH . ? A HOH 280 ? 7_555 154.7 ? 
28 O   ? J HOH . ? A HOH 270 ? 1_555 MG ? D MG . ? A MG 103 ? 1_555 O ? K HOH . ? B HOH 260 ? 1_555 77.6  ? 
29 O   ? J HOH . ? A HOH 270 ? 1_555 MG ? D MG . ? A MG 103 ? 1_555 O ? K HOH . ? B HOH 271 ? 1_555 163.2 ? 
30 O   ? K HOH . ? B HOH 260 ? 1_555 MG ? D MG . ? A MG 103 ? 1_555 O ? K HOH . ? B HOH 271 ? 1_555 85.5  ? 
31 O   ? J HOH . ? A HOH 270 ? 1_555 MG ? D MG . ? A MG 103 ? 1_555 O ? K HOH . ? B HOH 308 ? 1_555 106.2 ? 
32 O   ? K HOH . ? B HOH 260 ? 1_555 MG ? D MG . ? A MG 103 ? 1_555 O ? K HOH . ? B HOH 308 ? 1_555 81.0  ? 
33 O   ? K HOH . ? B HOH 271 ? 1_555 MG ? D MG . ? A MG 103 ? 1_555 O ? K HOH . ? B HOH 308 ? 1_555 71.1  ? 
34 O   ? J HOH . ? A HOH 220 ? 1_555 MG ? E MG . ? A MG 104 ? 1_555 O ? J HOH . ? A HOH 234 ? 1_555 89.1  ? 
35 O   ? J HOH . ? A HOH 220 ? 1_555 MG ? E MG . ? A MG 104 ? 1_555 O ? J HOH . ? A HOH 243 ? 1_555 81.4  ? 
36 O   ? J HOH . ? A HOH 234 ? 1_555 MG ? E MG . ? A MG 104 ? 1_555 O ? J HOH . ? A HOH 243 ? 1_555 149.2 ? 
37 O   ? J HOH . ? A HOH 220 ? 1_555 MG ? E MG . ? A MG 104 ? 1_555 O ? J HOH . ? A HOH 245 ? 1_555 92.4  ? 
38 O   ? J HOH . ? A HOH 234 ? 1_555 MG ? E MG . ? A MG 104 ? 1_555 O ? J HOH . ? A HOH 245 ? 1_555 89.9  ? 
39 O   ? J HOH . ? A HOH 243 ? 1_555 MG ? E MG . ? A MG 104 ? 1_555 O ? J HOH . ? A HOH 245 ? 1_555 119.5 ? 
40 O   ? J HOH . ? A HOH 214 ? 1_555 CA ? G CA . ? A CA 113 ? 1_555 O ? J HOH . ? A HOH 214 ? 7_555 179.6 ? 
41 O   ? J HOH . ? A HOH 214 ? 1_555 CA ? G CA . ? A CA 113 ? 1_555 O ? J HOH . ? A HOH 233 ? 1_555 100.6 ? 
42 O   ? J HOH . ? A HOH 214 ? 7_555 CA ? G CA . ? A CA 113 ? 1_555 O ? J HOH . ? A HOH 233 ? 1_555 79.1  ? 
43 O   ? J HOH . ? A HOH 214 ? 1_555 CA ? G CA . ? A CA 113 ? 1_555 O ? J HOH . ? A HOH 233 ? 7_555 79.1  ? 
44 O   ? J HOH . ? A HOH 214 ? 7_555 CA ? G CA . ? A CA 113 ? 1_555 O ? J HOH . ? A HOH 233 ? 7_555 100.6 ? 
45 O   ? J HOH . ? A HOH 233 ? 1_555 CA ? G CA . ? A CA 113 ? 1_555 O ? J HOH . ? A HOH 233 ? 7_555 75.4  ? 
46 O   ? J HOH . ? A HOH 214 ? 1_555 CA ? G CA . ? A CA 113 ? 1_555 O ? J HOH . ? A HOH 234 ? 1_555 90.1  ? 
47 O   ? J HOH . ? A HOH 214 ? 7_555 CA ? G CA . ? A CA 113 ? 1_555 O ? J HOH . ? A HOH 234 ? 1_555 90.2  ? 
48 O   ? J HOH . ? A HOH 233 ? 1_555 CA ? G CA . ? A CA 113 ? 1_555 O ? J HOH . ? A HOH 234 ? 1_555 98.2  ? 
49 O   ? J HOH . ? A HOH 233 ? 7_555 CA ? G CA . ? A CA 113 ? 1_555 O ? J HOH . ? A HOH 234 ? 1_555 166.0 ? 
50 O   ? J HOH . ? A HOH 214 ? 1_555 CA ? G CA . ? A CA 113 ? 1_555 O ? J HOH . ? A HOH 234 ? 7_555 90.2  ? 
51 O   ? J HOH . ? A HOH 214 ? 7_555 CA ? G CA . ? A CA 113 ? 1_555 O ? J HOH . ? A HOH 234 ? 7_555 90.1  ? 
52 O   ? J HOH . ? A HOH 233 ? 1_555 CA ? G CA . ? A CA 113 ? 1_555 O ? J HOH . ? A HOH 234 ? 7_555 166.0 ? 
53 O   ? J HOH . ? A HOH 233 ? 7_555 CA ? G CA . ? A CA 113 ? 1_555 O ? J HOH . ? A HOH 234 ? 7_555 98.2  ? 
54 O   ? J HOH . ? A HOH 234 ? 1_555 CA ? G CA . ? A CA 113 ? 1_555 O ? J HOH . ? A HOH 234 ? 7_555 90.5  ? 
55 O   ? K HOH . ? B HOH 250 ? 1_555 MG ? H MG . ? B MG 101 ? 1_555 O ? K HOH . ? B HOH 255 ? 1_555 70.9  ? 
56 O   ? K HOH . ? B HOH 250 ? 1_555 MG ? H MG . ? B MG 101 ? 1_555 O ? K HOH . ? B HOH 269 ? 1_555 97.4  ? 
57 O   ? K HOH . ? B HOH 255 ? 1_555 MG ? H MG . ? B MG 101 ? 1_555 O ? K HOH . ? B HOH 269 ? 1_555 108.9 ? 
58 O   ? K HOH . ? B HOH 250 ? 1_555 MG ? H MG . ? B MG 101 ? 1_555 O ? K HOH . ? B HOH 272 ? 1_555 104.2 ? 
59 O   ? K HOH . ? B HOH 255 ? 1_555 MG ? H MG . ? B MG 101 ? 1_555 O ? K HOH . ? B HOH 272 ? 1_555 107.9 ? 
60 O   ? K HOH . ? B HOH 269 ? 1_555 MG ? H MG . ? B MG 101 ? 1_555 O ? K HOH . ? B HOH 272 ? 1_555 141.8 ? 
61 O   ? K HOH . ? B HOH 213 ? 1_555 CA ? I CA . ? B CA 111 ? 1_555 O ? K HOH . ? B HOH 218 ? 1_555 90.5  ? 
62 O   ? K HOH . ? B HOH 213 ? 1_555 CA ? I CA . ? B CA 111 ? 1_555 O ? K HOH . ? B HOH 219 ? 1_555 86.5  ? 
63 O   ? K HOH . ? B HOH 218 ? 1_555 CA ? I CA . ? B CA 111 ? 1_555 O ? K HOH . ? B HOH 219 ? 1_555 177.0 ? 
64 O   ? K HOH . ? B HOH 213 ? 1_555 CA ? I CA . ? B CA 111 ? 1_555 O ? K HOH . ? B HOH 222 ? 1_555 175.6 ? 
65 O   ? K HOH . ? B HOH 218 ? 1_555 CA ? I CA . ? B CA 111 ? 1_555 O ? K HOH . ? B HOH 222 ? 1_555 89.4  ? 
66 O   ? K HOH . ? B HOH 219 ? 1_555 CA ? I CA . ? B CA 111 ? 1_555 O ? K HOH . ? B HOH 222 ? 1_555 93.6  ? 
67 O   ? K HOH . ? B HOH 213 ? 1_555 CA ? I CA . ? B CA 111 ? 1_555 O ? K HOH . ? B HOH 263 ? 1_555 90.4  ? 
68 O   ? K HOH . ? B HOH 218 ? 1_555 CA ? I CA . ? B CA 111 ? 1_555 O ? K HOH . ? B HOH 263 ? 1_555 85.0  ? 
69 O   ? K HOH . ? B HOH 219 ? 1_555 CA ? I CA . ? B CA 111 ? 1_555 O ? K HOH . ? B HOH 263 ? 1_555 94.4  ? 
70 O   ? K HOH . ? B HOH 222 ? 1_555 CA ? I CA . ? B CA 111 ? 1_555 O ? K HOH . ? B HOH 263 ? 1_555 94.0  ? 
# 
loop_
_struct_site.id 
_struct_site.pdbx_evidence_code 
_struct_site.pdbx_auth_asym_id 
_struct_site.pdbx_auth_comp_id 
_struct_site.pdbx_auth_seq_id 
_struct_site.pdbx_auth_ins_code 
_struct_site.pdbx_num_residues 
_struct_site.details 
AC1 Software B MG 101 ? 4 'BINDING SITE FOR RESIDUE MG B 101' 
AC2 Software A MG 102 ? 4 'BINDING SITE FOR RESIDUE MG A 102' 
AC3 Software A MG 103 ? 4 'BINDING SITE FOR RESIDUE MG A 103' 
AC4 Software A MG 104 ? 4 'BINDING SITE FOR RESIDUE MG A 104' 
AC5 Software B CA 111 ? 5 'BINDING SITE FOR RESIDUE CA B 111' 
AC6 Software A CA 112 ? 6 'BINDING SITE FOR RESIDUE CA A 112' 
AC7 Software A CA 113 ? 6 'BINDING SITE FOR RESIDUE CA A 113' 
# 
loop_
_struct_site_gen.id 
_struct_site_gen.site_id 
_struct_site_gen.pdbx_num_res 
_struct_site_gen.label_comp_id 
_struct_site_gen.label_asym_id 
_struct_site_gen.label_seq_id 
_struct_site_gen.pdbx_auth_ins_code 
_struct_site_gen.auth_comp_id 
_struct_site_gen.auth_asym_id 
_struct_site_gen.auth_seq_id 
_struct_site_gen.label_atom_id 
_struct_site_gen.label_alt_id 
_struct_site_gen.symmetry 
_struct_site_gen.details 
1  AC1 4 HOH K . ? HOH B 250 . ? 1_555 ? 
2  AC1 4 HOH K . ? HOH B 255 . ? 1_555 ? 
3  AC1 4 HOH K . ? HOH B 269 . ? 1_555 ? 
4  AC1 4 HOH K . ? HOH B 272 . ? 1_555 ? 
5  AC2 4 HOH J . ? HOH A 208 . ? 1_555 ? 
6  AC2 4 HOH J . ? HOH A 208 . ? 7_555 ? 
7  AC2 4 HOH J . ? HOH A 280 . ? 1_555 ? 
8  AC2 4 HOH J . ? HOH A 280 . ? 7_555 ? 
9  AC3 4 HOH J . ? HOH A 270 . ? 1_555 ? 
10 AC3 4 HOH K . ? HOH B 260 . ? 1_555 ? 
11 AC3 4 HOH K . ? HOH B 271 . ? 1_555 ? 
12 AC3 4 HOH K . ? HOH B 308 . ? 1_555 ? 
13 AC4 4 HOH J . ? HOH A 220 . ? 1_555 ? 
14 AC4 4 HOH J . ? HOH A 234 . ? 1_555 ? 
15 AC4 4 HOH J . ? HOH A 243 . ? 1_555 ? 
16 AC4 4 HOH J . ? HOH A 245 . ? 1_555 ? 
17 AC5 5 HOH K . ? HOH B 213 . ? 1_555 ? 
18 AC5 5 HOH K . ? HOH B 218 . ? 1_555 ? 
19 AC5 5 HOH K . ? HOH B 219 . ? 1_555 ? 
20 AC5 5 HOH K . ? HOH B 222 . ? 1_555 ? 
21 AC5 5 HOH K . ? HOH B 263 . ? 1_555 ? 
22 AC6 6 G   A 7 ? G   A 7   . ? 1_555 ? 
23 AC6 6 HOH J . ? HOH A 236 . ? 1_555 ? 
24 AC6 6 HOH J . ? HOH A 240 . ? 1_555 ? 
25 AC6 6 HOH J . ? HOH A 242 . ? 1_555 ? 
26 AC6 6 HOH J . ? HOH A 247 . ? 1_555 ? 
27 AC6 6 HOH J . ? HOH A 261 . ? 1_555 ? 
28 AC7 6 HOH J . ? HOH A 214 . ? 7_555 ? 
29 AC7 6 HOH J . ? HOH A 214 . ? 1_555 ? 
30 AC7 6 HOH J . ? HOH A 233 . ? 1_555 ? 
31 AC7 6 HOH J . ? HOH A 233 . ? 7_555 ? 
32 AC7 6 HOH J . ? HOH A 234 . ? 7_555 ? 
33 AC7 6 HOH J . ? HOH A 234 . ? 1_555 ? 
# 
loop_
_pdbx_validate_rmsd_bond.id 
_pdbx_validate_rmsd_bond.PDB_model_num 
_pdbx_validate_rmsd_bond.auth_atom_id_1 
_pdbx_validate_rmsd_bond.auth_asym_id_1 
_pdbx_validate_rmsd_bond.auth_comp_id_1 
_pdbx_validate_rmsd_bond.auth_seq_id_1 
_pdbx_validate_rmsd_bond.PDB_ins_code_1 
_pdbx_validate_rmsd_bond.label_alt_id_1 
_pdbx_validate_rmsd_bond.auth_atom_id_2 
_pdbx_validate_rmsd_bond.auth_asym_id_2 
_pdbx_validate_rmsd_bond.auth_comp_id_2 
_pdbx_validate_rmsd_bond.auth_seq_id_2 
_pdbx_validate_rmsd_bond.PDB_ins_code_2 
_pdbx_validate_rmsd_bond.label_alt_id_2 
_pdbx_validate_rmsd_bond.bond_value 
_pdbx_validate_rmsd_bond.bond_target_value 
_pdbx_validate_rmsd_bond.bond_deviation 
_pdbx_validate_rmsd_bond.bond_standard_deviation 
_pdbx_validate_rmsd_bond.linker_flag 
1 1 "O3'" A CBV 11 ? ? P A G 12 ? ? 1.752 1.607 0.145 0.012 Y 
2 1 "O3'" B CBV 22 ? ? P B G 23 ? ? 1.773 1.607 0.166 0.012 Y 
# 
loop_
_pdbx_struct_mod_residue.id 
_pdbx_struct_mod_residue.label_asym_id 
_pdbx_struct_mod_residue.label_comp_id 
_pdbx_struct_mod_residue.label_seq_id 
_pdbx_struct_mod_residue.auth_asym_id 
_pdbx_struct_mod_residue.auth_comp_id 
_pdbx_struct_mod_residue.auth_seq_id 
_pdbx_struct_mod_residue.PDB_ins_code 
_pdbx_struct_mod_residue.parent_comp_id 
_pdbx_struct_mod_residue.details 
1 A CBV 11 A CBV 11 ? C ? 
2 B CBV 10 B CBV 22 ? C ? 
# 
loop_
_pdbx_struct_special_symmetry.id 
_pdbx_struct_special_symmetry.PDB_model_num 
_pdbx_struct_special_symmetry.auth_asym_id 
_pdbx_struct_special_symmetry.auth_comp_id 
_pdbx_struct_special_symmetry.auth_seq_id 
_pdbx_struct_special_symmetry.PDB_ins_code 
_pdbx_struct_special_symmetry.label_asym_id 
_pdbx_struct_special_symmetry.label_comp_id 
_pdbx_struct_special_symmetry.label_seq_id 
1 1 A MG  102 ? C MG  . 
2 1 A CA  113 ? G CA  . 
3 1 A HOH 286 ? J HOH . 
# 
_pdbx_unobs_or_zero_occ_residues.id               1 
_pdbx_unobs_or_zero_occ_residues.PDB_model_num    1 
_pdbx_unobs_or_zero_occ_residues.polymer_flag     N 
_pdbx_unobs_or_zero_occ_residues.occupancy_flag   0 
_pdbx_unobs_or_zero_occ_residues.auth_asym_id     A 
_pdbx_unobs_or_zero_occ_residues.auth_comp_id     HOH 
_pdbx_unobs_or_zero_occ_residues.auth_seq_id      262 
_pdbx_unobs_or_zero_occ_residues.PDB_ins_code     ? 
_pdbx_unobs_or_zero_occ_residues.label_asym_id    J 
_pdbx_unobs_or_zero_occ_residues.label_comp_id    HOH 
_pdbx_unobs_or_zero_occ_residues.label_seq_id     ? 
# 
loop_
_chem_comp_atom.comp_id 
_chem_comp_atom.atom_id 
_chem_comp_atom.type_symbol 
_chem_comp_atom.pdbx_aromatic_flag 
_chem_comp_atom.pdbx_stereo_config 
_chem_comp_atom.pdbx_ordinal 
A   OP3    O  N N 1   
A   P      P  N N 2   
A   OP1    O  N N 3   
A   OP2    O  N N 4   
A   "O5'"  O  N N 5   
A   "C5'"  C  N N 6   
A   "C4'"  C  N R 7   
A   "O4'"  O  N N 8   
A   "C3'"  C  N S 9   
A   "O3'"  O  N N 10  
A   "C2'"  C  N R 11  
A   "O2'"  O  N N 12  
A   "C1'"  C  N R 13  
A   N9     N  Y N 14  
A   C8     C  Y N 15  
A   N7     N  Y N 16  
A   C5     C  Y N 17  
A   C6     C  Y N 18  
A   N6     N  N N 19  
A   N1     N  Y N 20  
A   C2     C  Y N 21  
A   N3     N  Y N 22  
A   C4     C  Y N 23  
A   HOP3   H  N N 24  
A   HOP2   H  N N 25  
A   "H5'"  H  N N 26  
A   "H5''" H  N N 27  
A   "H4'"  H  N N 28  
A   "H3'"  H  N N 29  
A   "HO3'" H  N N 30  
A   "H2'"  H  N N 31  
A   "HO2'" H  N N 32  
A   "H1'"  H  N N 33  
A   H8     H  N N 34  
A   H61    H  N N 35  
A   H62    H  N N 36  
A   H2     H  N N 37  
C   OP3    O  N N 38  
C   P      P  N N 39  
C   OP1    O  N N 40  
C   OP2    O  N N 41  
C   "O5'"  O  N N 42  
C   "C5'"  C  N N 43  
C   "C4'"  C  N R 44  
C   "O4'"  O  N N 45  
C   "C3'"  C  N S 46  
C   "O3'"  O  N N 47  
C   "C2'"  C  N R 48  
C   "O2'"  O  N N 49  
C   "C1'"  C  N R 50  
C   N1     N  N N 51  
C   C2     C  N N 52  
C   O2     O  N N 53  
C   N3     N  N N 54  
C   C4     C  N N 55  
C   N4     N  N N 56  
C   C5     C  N N 57  
C   C6     C  N N 58  
C   HOP3   H  N N 59  
C   HOP2   H  N N 60  
C   "H5'"  H  N N 61  
C   "H5''" H  N N 62  
C   "H4'"  H  N N 63  
C   "H3'"  H  N N 64  
C   "HO3'" H  N N 65  
C   "H2'"  H  N N 66  
C   "HO2'" H  N N 67  
C   "H1'"  H  N N 68  
C   H41    H  N N 69  
C   H42    H  N N 70  
C   H5     H  N N 71  
C   H6     H  N N 72  
CA  CA     CA N N 73  
CBV O3P    O  N N 74  
CBV P      P  N N 75  
CBV O1P    O  N N 76  
CBV O2P    O  N N 77  
CBV "O5'"  O  N N 78  
CBV "C5'"  C  N N 79  
CBV "C4'"  C  N R 80  
CBV "O4'"  O  N N 81  
CBV "C3'"  C  N S 82  
CBV "O3'"  O  N N 83  
CBV "C2'"  C  N R 84  
CBV "O2'"  O  N N 85  
CBV "C1'"  C  N R 86  
CBV N1     N  N N 87  
CBV C2     C  N N 88  
CBV O2     O  N N 89  
CBV N3     N  N N 90  
CBV C4     C  N N 91  
CBV N4     N  N N 92  
CBV C5     C  N N 93  
CBV C6     C  N N 94  
CBV BR     BR N N 95  
CBV HO3P   H  N N 96  
CBV HO1P   H  N N 97  
CBV "H5'1" H  N N 98  
CBV "H5'2" H  N N 99  
CBV "H4'"  H  N N 100 
CBV "H3'"  H  N N 101 
CBV "HO3'" H  N N 102 
CBV "H2'"  H  N N 103 
CBV "HO2'" H  N N 104 
CBV "H1'"  H  N N 105 
CBV HN41   H  N N 106 
CBV HN42   H  N N 107 
CBV H6     H  N N 108 
G   OP3    O  N N 109 
G   P      P  N N 110 
G   OP1    O  N N 111 
G   OP2    O  N N 112 
G   "O5'"  O  N N 113 
G   "C5'"  C  N N 114 
G   "C4'"  C  N R 115 
G   "O4'"  O  N N 116 
G   "C3'"  C  N S 117 
G   "O3'"  O  N N 118 
G   "C2'"  C  N R 119 
G   "O2'"  O  N N 120 
G   "C1'"  C  N R 121 
G   N9     N  Y N 122 
G   C8     C  Y N 123 
G   N7     N  Y N 124 
G   C5     C  Y N 125 
G   C6     C  N N 126 
G   O6     O  N N 127 
G   N1     N  N N 128 
G   C2     C  N N 129 
G   N2     N  N N 130 
G   N3     N  N N 131 
G   C4     C  Y N 132 
G   HOP3   H  N N 133 
G   HOP2   H  N N 134 
G   "H5'"  H  N N 135 
G   "H5''" H  N N 136 
G   "H4'"  H  N N 137 
G   "H3'"  H  N N 138 
G   "HO3'" H  N N 139 
G   "H2'"  H  N N 140 
G   "HO2'" H  N N 141 
G   "H1'"  H  N N 142 
G   H8     H  N N 143 
G   H1     H  N N 144 
G   H21    H  N N 145 
G   H22    H  N N 146 
HOH O      O  N N 147 
HOH H1     H  N N 148 
HOH H2     H  N N 149 
MG  MG     MG N N 150 
U   OP3    O  N N 151 
U   P      P  N N 152 
U   OP1    O  N N 153 
U   OP2    O  N N 154 
U   "O5'"  O  N N 155 
U   "C5'"  C  N N 156 
U   "C4'"  C  N R 157 
U   "O4'"  O  N N 158 
U   "C3'"  C  N S 159 
U   "O3'"  O  N N 160 
U   "C2'"  C  N R 161 
U   "O2'"  O  N N 162 
U   "C1'"  C  N R 163 
U   N1     N  N N 164 
U   C2     C  N N 165 
U   O2     O  N N 166 
U   N3     N  N N 167 
U   C4     C  N N 168 
U   O4     O  N N 169 
U   C5     C  N N 170 
U   C6     C  N N 171 
U   HOP3   H  N N 172 
U   HOP2   H  N N 173 
U   "H5'"  H  N N 174 
U   "H5''" H  N N 175 
U   "H4'"  H  N N 176 
U   "H3'"  H  N N 177 
U   "HO3'" H  N N 178 
U   "H2'"  H  N N 179 
U   "HO2'" H  N N 180 
U   "H1'"  H  N N 181 
U   H3     H  N N 182 
U   H5     H  N N 183 
U   H6     H  N N 184 
# 
loop_
_chem_comp_bond.comp_id 
_chem_comp_bond.atom_id_1 
_chem_comp_bond.atom_id_2 
_chem_comp_bond.value_order 
_chem_comp_bond.pdbx_aromatic_flag 
_chem_comp_bond.pdbx_stereo_config 
_chem_comp_bond.pdbx_ordinal 
A   OP3   P      sing N N 1   
A   OP3   HOP3   sing N N 2   
A   P     OP1    doub N N 3   
A   P     OP2    sing N N 4   
A   P     "O5'"  sing N N 5   
A   OP2   HOP2   sing N N 6   
A   "O5'" "C5'"  sing N N 7   
A   "C5'" "C4'"  sing N N 8   
A   "C5'" "H5'"  sing N N 9   
A   "C5'" "H5''" sing N N 10  
A   "C4'" "O4'"  sing N N 11  
A   "C4'" "C3'"  sing N N 12  
A   "C4'" "H4'"  sing N N 13  
A   "O4'" "C1'"  sing N N 14  
A   "C3'" "O3'"  sing N N 15  
A   "C3'" "C2'"  sing N N 16  
A   "C3'" "H3'"  sing N N 17  
A   "O3'" "HO3'" sing N N 18  
A   "C2'" "O2'"  sing N N 19  
A   "C2'" "C1'"  sing N N 20  
A   "C2'" "H2'"  sing N N 21  
A   "O2'" "HO2'" sing N N 22  
A   "C1'" N9     sing N N 23  
A   "C1'" "H1'"  sing N N 24  
A   N9    C8     sing Y N 25  
A   N9    C4     sing Y N 26  
A   C8    N7     doub Y N 27  
A   C8    H8     sing N N 28  
A   N7    C5     sing Y N 29  
A   C5    C6     sing Y N 30  
A   C5    C4     doub Y N 31  
A   C6    N6     sing N N 32  
A   C6    N1     doub Y N 33  
A   N6    H61    sing N N 34  
A   N6    H62    sing N N 35  
A   N1    C2     sing Y N 36  
A   C2    N3     doub Y N 37  
A   C2    H2     sing N N 38  
A   N3    C4     sing Y N 39  
C   OP3   P      sing N N 40  
C   OP3   HOP3   sing N N 41  
C   P     OP1    doub N N 42  
C   P     OP2    sing N N 43  
C   P     "O5'"  sing N N 44  
C   OP2   HOP2   sing N N 45  
C   "O5'" "C5'"  sing N N 46  
C   "C5'" "C4'"  sing N N 47  
C   "C5'" "H5'"  sing N N 48  
C   "C5'" "H5''" sing N N 49  
C   "C4'" "O4'"  sing N N 50  
C   "C4'" "C3'"  sing N N 51  
C   "C4'" "H4'"  sing N N 52  
C   "O4'" "C1'"  sing N N 53  
C   "C3'" "O3'"  sing N N 54  
C   "C3'" "C2'"  sing N N 55  
C   "C3'" "H3'"  sing N N 56  
C   "O3'" "HO3'" sing N N 57  
C   "C2'" "O2'"  sing N N 58  
C   "C2'" "C1'"  sing N N 59  
C   "C2'" "H2'"  sing N N 60  
C   "O2'" "HO2'" sing N N 61  
C   "C1'" N1     sing N N 62  
C   "C1'" "H1'"  sing N N 63  
C   N1    C2     sing N N 64  
C   N1    C6     sing N N 65  
C   C2    O2     doub N N 66  
C   C2    N3     sing N N 67  
C   N3    C4     doub N N 68  
C   C4    N4     sing N N 69  
C   C4    C5     sing N N 70  
C   N4    H41    sing N N 71  
C   N4    H42    sing N N 72  
C   C5    C6     doub N N 73  
C   C5    H5     sing N N 74  
C   C6    H6     sing N N 75  
CBV O3P   P      sing N N 76  
CBV O3P   HO3P   sing N N 77  
CBV P     O1P    sing N N 78  
CBV P     O2P    doub N N 79  
CBV P     "O5'"  sing N N 80  
CBV O1P   HO1P   sing N N 81  
CBV "O5'" "C5'"  sing N N 82  
CBV "C5'" "C4'"  sing N N 83  
CBV "C5'" "H5'1" sing N N 84  
CBV "C5'" "H5'2" sing N N 85  
CBV "C4'" "O4'"  sing N N 86  
CBV "C4'" "C3'"  sing N N 87  
CBV "C4'" "H4'"  sing N N 88  
CBV "O4'" "C1'"  sing N N 89  
CBV "C3'" "O3'"  sing N N 90  
CBV "C3'" "C2'"  sing N N 91  
CBV "C3'" "H3'"  sing N N 92  
CBV "O3'" "HO3'" sing N N 93  
CBV "C2'" "O2'"  sing N N 94  
CBV "C2'" "C1'"  sing N N 95  
CBV "C2'" "H2'"  sing N N 96  
CBV "O2'" "HO2'" sing N N 97  
CBV "C1'" N1     sing N N 98  
CBV "C1'" "H1'"  sing N N 99  
CBV N1    C2     sing N N 100 
CBV N1    C6     sing N N 101 
CBV C2    O2     doub N N 102 
CBV C2    N3     sing N N 103 
CBV N3    C4     doub N N 104 
CBV C4    N4     sing N N 105 
CBV C4    C5     sing N N 106 
CBV N4    HN41   sing N N 107 
CBV N4    HN42   sing N N 108 
CBV C5    C6     doub N N 109 
CBV C5    BR     sing N N 110 
CBV C6    H6     sing N N 111 
G   OP3   P      sing N N 112 
G   OP3   HOP3   sing N N 113 
G   P     OP1    doub N N 114 
G   P     OP2    sing N N 115 
G   P     "O5'"  sing N N 116 
G   OP2   HOP2   sing N N 117 
G   "O5'" "C5'"  sing N N 118 
G   "C5'" "C4'"  sing N N 119 
G   "C5'" "H5'"  sing N N 120 
G   "C5'" "H5''" sing N N 121 
G   "C4'" "O4'"  sing N N 122 
G   "C4'" "C3'"  sing N N 123 
G   "C4'" "H4'"  sing N N 124 
G   "O4'" "C1'"  sing N N 125 
G   "C3'" "O3'"  sing N N 126 
G   "C3'" "C2'"  sing N N 127 
G   "C3'" "H3'"  sing N N 128 
G   "O3'" "HO3'" sing N N 129 
G   "C2'" "O2'"  sing N N 130 
G   "C2'" "C1'"  sing N N 131 
G   "C2'" "H2'"  sing N N 132 
G   "O2'" "HO2'" sing N N 133 
G   "C1'" N9     sing N N 134 
G   "C1'" "H1'"  sing N N 135 
G   N9    C8     sing Y N 136 
G   N9    C4     sing Y N 137 
G   C8    N7     doub Y N 138 
G   C8    H8     sing N N 139 
G   N7    C5     sing Y N 140 
G   C5    C6     sing N N 141 
G   C5    C4     doub Y N 142 
G   C6    O6     doub N N 143 
G   C6    N1     sing N N 144 
G   N1    C2     sing N N 145 
G   N1    H1     sing N N 146 
G   C2    N2     sing N N 147 
G   C2    N3     doub N N 148 
G   N2    H21    sing N N 149 
G   N2    H22    sing N N 150 
G   N3    C4     sing N N 151 
HOH O     H1     sing N N 152 
HOH O     H2     sing N N 153 
U   OP3   P      sing N N 154 
U   OP3   HOP3   sing N N 155 
U   P     OP1    doub N N 156 
U   P     OP2    sing N N 157 
U   P     "O5'"  sing N N 158 
U   OP2   HOP2   sing N N 159 
U   "O5'" "C5'"  sing N N 160 
U   "C5'" "C4'"  sing N N 161 
U   "C5'" "H5'"  sing N N 162 
U   "C5'" "H5''" sing N N 163 
U   "C4'" "O4'"  sing N N 164 
U   "C4'" "C3'"  sing N N 165 
U   "C4'" "H4'"  sing N N 166 
U   "O4'" "C1'"  sing N N 167 
U   "C3'" "O3'"  sing N N 168 
U   "C3'" "C2'"  sing N N 169 
U   "C3'" "H3'"  sing N N 170 
U   "O3'" "HO3'" sing N N 171 
U   "C2'" "O2'"  sing N N 172 
U   "C2'" "C1'"  sing N N 173 
U   "C2'" "H2'"  sing N N 174 
U   "O2'" "HO2'" sing N N 175 
U   "C1'" N1     sing N N 176 
U   "C1'" "H1'"  sing N N 177 
U   N1    C2     sing N N 178 
U   N1    C6     sing N N 179 
U   C2    O2     doub N N 180 
U   C2    N3     sing N N 181 
U   N3    C4     sing N N 182 
U   N3    H3     sing N N 183 
U   C4    O4     doub N N 184 
U   C4    C5     sing N N 185 
U   C5    C6     doub N N 186 
U   C5    H5     sing N N 187 
U   C6    H6     sing N N 188 
# 
loop_
_ndb_struct_conf_na.entry_id 
_ndb_struct_conf_na.feature 
1LNT 'double helix'         
1LNT 'a-form double helix'  
1LNT 'mismatched base pair' 
# 
loop_
_ndb_struct_na_base_pair.model_number 
_ndb_struct_na_base_pair.i_label_asym_id 
_ndb_struct_na_base_pair.i_label_comp_id 
_ndb_struct_na_base_pair.i_label_seq_id 
_ndb_struct_na_base_pair.i_symmetry 
_ndb_struct_na_base_pair.j_label_asym_id 
_ndb_struct_na_base_pair.j_label_comp_id 
_ndb_struct_na_base_pair.j_label_seq_id 
_ndb_struct_na_base_pair.j_symmetry 
_ndb_struct_na_base_pair.shear 
_ndb_struct_na_base_pair.stretch 
_ndb_struct_na_base_pair.stagger 
_ndb_struct_na_base_pair.buckle 
_ndb_struct_na_base_pair.propeller 
_ndb_struct_na_base_pair.opening 
_ndb_struct_na_base_pair.pair_number 
_ndb_struct_na_base_pair.pair_name 
_ndb_struct_na_base_pair.i_auth_asym_id 
_ndb_struct_na_base_pair.i_auth_seq_id 
_ndb_struct_na_base_pair.i_PDB_ins_code 
_ndb_struct_na_base_pair.j_auth_asym_id 
_ndb_struct_na_base_pair.j_auth_seq_id 
_ndb_struct_na_base_pair.j_PDB_ins_code 
_ndb_struct_na_base_pair.hbond_type_28 
_ndb_struct_na_base_pair.hbond_type_12 
1 A G   1  1_555 B C   12 1_555 -0.347 -0.149 0.002  -1.388 -10.593 0.662   1  A_G1:C24_B    A 1  ? B 24 ? 19 1 
1 A C   2  1_555 B G   11 1_555 0.268  -0.109 0.017  0.519  -16.487 1.840   2  A_C2:G23_B    A 2  ? B 23 ? 19 1 
1 A G   3  1_555 B CBV 10 1_555 -0.228 -0.178 0.144  -5.534 -16.105 -1.651  3  A_G3:CBV22_B  A 3  ? B 22 ? 19 1 
1 A U   4  1_555 B G   9  1_555 2.543  -0.673 0.222  1.319  -10.611 -10.888 4  A_U4:G21_B    A 4  ? B 21 ? 28 ? 
1 A C   5  1_555 B A   8  1_555 6.560  -4.252 1.123  -0.499 -11.671 -16.913 5  A_C5:A20_B    A 5  ? B 20 ? ?  6 
1 A A   6  1_555 B C   7  1_555 -3.161 -0.480 -0.400 1.453  -10.748 -90.556 6  A_A6:C19_B    A 6  ? B 19 ? 25 4 
1 A G   7  1_555 B G   6  1_555 -7.260 -2.298 0.427  3.635  -9.175  -18.879 7  A_G7:G18_B    A 7  ? B 18 ? ?  ? 
1 A G   8  1_555 B A   5  1_555 -0.083 1.437  -0.214 6.738  -13.276 -14.169 8  A_G8:A17_B    A 8  ? B 17 ? 8  ? 
1 A U   9  1_555 B A   4  1_555 -0.147 0.015  -0.133 8.541  -8.008  -5.493  9  A_U9:A16_B    A 9  ? B 16 ? 20 1 
1 A C   10 1_555 B G   3  1_555 0.276  -0.178 -0.032 10.754 -8.735  0.335   10 A_C10:G15_B   A 10 ? B 15 ? 19 1 
1 A CBV 11 1_555 B G   2  1_555 0.280  -0.217 -0.141 3.506  -10.627 -0.199  11 A_CBV11:G14_B A 11 ? B 14 ? 19 1 
1 A G   12 1_555 B C   1  1_555 -0.138 -0.137 0.014  0.635  -9.011  -0.482  12 A_G12:C13_B   A 12 ? B 13 ? 19 1 
# 
loop_
_ndb_struct_na_base_pair_step.model_number 
_ndb_struct_na_base_pair_step.i_label_asym_id_1 
_ndb_struct_na_base_pair_step.i_label_comp_id_1 
_ndb_struct_na_base_pair_step.i_label_seq_id_1 
_ndb_struct_na_base_pair_step.i_symmetry_1 
_ndb_struct_na_base_pair_step.j_label_asym_id_1 
_ndb_struct_na_base_pair_step.j_label_comp_id_1 
_ndb_struct_na_base_pair_step.j_label_seq_id_1 
_ndb_struct_na_base_pair_step.j_symmetry_1 
_ndb_struct_na_base_pair_step.i_label_asym_id_2 
_ndb_struct_na_base_pair_step.i_label_comp_id_2 
_ndb_struct_na_base_pair_step.i_label_seq_id_2 
_ndb_struct_na_base_pair_step.i_symmetry_2 
_ndb_struct_na_base_pair_step.j_label_asym_id_2 
_ndb_struct_na_base_pair_step.j_label_comp_id_2 
_ndb_struct_na_base_pair_step.j_label_seq_id_2 
_ndb_struct_na_base_pair_step.j_symmetry_2 
_ndb_struct_na_base_pair_step.shift 
_ndb_struct_na_base_pair_step.slide 
_ndb_struct_na_base_pair_step.rise 
_ndb_struct_na_base_pair_step.tilt 
_ndb_struct_na_base_pair_step.roll 
_ndb_struct_na_base_pair_step.twist 
_ndb_struct_na_base_pair_step.x_displacement 
_ndb_struct_na_base_pair_step.y_displacement 
_ndb_struct_na_base_pair_step.helical_rise 
_ndb_struct_na_base_pair_step.inclination 
_ndb_struct_na_base_pair_step.tip 
_ndb_struct_na_base_pair_step.helical_twist 
_ndb_struct_na_base_pair_step.step_number 
_ndb_struct_na_base_pair_step.step_name 
_ndb_struct_na_base_pair_step.i_auth_asym_id_1 
_ndb_struct_na_base_pair_step.i_auth_seq_id_1 
_ndb_struct_na_base_pair_step.i_PDB_ins_code_1 
_ndb_struct_na_base_pair_step.j_auth_asym_id_1 
_ndb_struct_na_base_pair_step.j_auth_seq_id_1 
_ndb_struct_na_base_pair_step.j_PDB_ins_code_1 
_ndb_struct_na_base_pair_step.i_auth_asym_id_2 
_ndb_struct_na_base_pair_step.i_auth_seq_id_2 
_ndb_struct_na_base_pair_step.i_PDB_ins_code_2 
_ndb_struct_na_base_pair_step.j_auth_asym_id_2 
_ndb_struct_na_base_pair_step.j_auth_seq_id_2 
_ndb_struct_na_base_pair_step.j_PDB_ins_code_2 
1 A G   1  1_555 B C   12 1_555 A C   2  1_555 B G   11 1_555 -0.020 -1.179 3.218 0.296  6.715  35.081 -2.847  0.073  2.949 11.016 
-0.485 35.700 1  AA_G1C2:G23C24_BB     A 1  ? B 24 ? A 2  ? B 23 ? 
1 A C   2  1_555 B G   11 1_555 A G   3  1_555 B CBV 10 1_555 -0.010 -1.717 3.201 0.764  15.860 30.734 -5.007  0.119  2.090 27.724 
-1.335 34.505 2  AA_C2G3:CBV22G23_BB   A 2  ? B 23 ? A 3  ? B 22 ? 
1 A G   3  1_555 B CBV 10 1_555 A U   4  1_555 B G   9  1_555 -0.122 -1.282 3.128 1.055  3.613  42.614 -2.098  0.267  3.011 4.960  
-1.449 42.773 3  AA_G3U4:G21CBV22_BB   A 3  ? B 22 ? A 4  ? B 21 ? 
1 A U   4  1_555 B G   9  1_555 A C   5  1_555 B A   8  1_555 0.843  -2.329 3.560 3.821  10.617 43.323 -4.051  -0.753 2.998 14.097 
-5.073 44.700 4  AA_U4C5:A20G21_BB     A 4  ? B 21 ? A 5  ? B 20 ? 
1 A C   5  1_555 B A   8  1_555 A A   6  1_555 B C   7  1_555 -5.424 -0.581 2.595 -3.768 9.478  6.191  -15.856 20.912 2.600 54.660 
21.732 11.927 5  AA_C5A6:C19A20_BB     A 5  ? B 20 ? A 6  ? B 19 ? 
1 A A   6  1_555 B C   7  1_555 A G   7  1_555 B G   6  1_555 4.798  -1.018 2.964 2.172  0.813  28.163 -2.267  -9.346 3.287 1.666  
-4.453 28.256 6  AA_A6G7:G18C19_BB     A 6  ? B 19 ? A 7  ? B 18 ? 
1 A G   7  1_555 B G   6  1_555 A G   8  1_555 B A   5  1_555 0.085  -1.512 3.317 0.114  5.186  56.320 -1.886  -0.084 3.178 5.481  
-0.120 56.539 7  AA_G7G8:A17G18_BB     A 7  ? B 18 ? A 8  ? B 17 ? 
1 A G   8  1_555 B A   5  1_555 A U   9  1_555 B A   4  1_555 0.793  -2.166 3.164 -2.213 0.003  27.268 -4.581  -2.203 3.090 0.006  
4.684  27.356 8  AA_G8U9:A16A17_BB     A 8  ? B 17 ? A 9  ? B 16 ? 
1 A U   9  1_555 B A   4  1_555 A C   10 1_555 B G   3  1_555 0.254  -2.276 3.250 -3.715 2.636  30.242 -4.818  -1.188 2.993 5.016  
7.070  30.575 9  AA_U9C10:G15A16_BB    A 9  ? B 16 ? A 10 ? B 15 ? 
1 A C   10 1_555 B G   3  1_555 A CBV 11 1_555 B G   2  1_555 -0.503 -2.175 3.455 -0.614 3.444  33.283 -4.359  0.770  3.228 5.992  
1.069  33.461 10 AA_C10CBV11:G14G15_BB A 10 ? B 15 ? A 11 ? B 14 ? 
1 A CBV 11 1_555 B G   2  1_555 A G   12 1_555 B C   1  1_555 -0.019 -1.833 3.360 -0.042 7.607  30.671 -4.726  0.028  2.835 14.111 
0.078  31.578 11 AA_CBV11G12:C13G14_BB A 11 ? B 14 ? A 12 ? B 13 ? 
# 
_atom_sites.entry_id                    1LNT 
_atom_sites.fract_transf_matrix[1][1]   0.01769032 
_atom_sites.fract_transf_matrix[1][2]   -0.01853532 
_atom_sites.fract_transf_matrix[1][3]   -0.01149319 
_atom_sites.fract_transf_matrix[2][1]   0.00197342 
_atom_sites.fract_transf_matrix[2][2]   0.01609842 
_atom_sites.fract_transf_matrix[2][3]   -0.02292477 
_atom_sites.fract_transf_matrix[3][1]   0.00577379 
_atom_sites.fract_transf_matrix[3][2]   0.00362427 
_atom_sites.fract_transf_matrix[3][3]   0.00304208 
_atom_sites.fract_transf_vector[1]      -0.182657 
_atom_sites.fract_transf_vector[2]      0.471363 
_atom_sites.fract_transf_vector[3]      0.088561 
# 
loop_
_atom_type.symbol 
BR 
C  
CA 
MG 
N  
O  
P  
# 
loop_
_atom_site.group_PDB 
_atom_site.id 
_atom_site.type_symbol 
_atom_site.label_atom_id 
_atom_site.label_alt_id 
_atom_site.label_comp_id 
_atom_site.label_asym_id 
_atom_site.label_entity_id 
_atom_site.label_seq_id 
_atom_site.pdbx_PDB_ins_code 
_atom_site.Cartn_x 
_atom_site.Cartn_y 
_atom_site.Cartn_z 
_atom_site.occupancy 
_atom_site.B_iso_or_equiv 
_atom_site.pdbx_formal_charge 
_atom_site.auth_seq_id 
_atom_site.auth_comp_id 
_atom_site.auth_asym_id 
_atom_site.auth_atom_id 
_atom_site.pdbx_PDB_model_num 
ATOM   1   O  "O5'" . G   A 1 1  ? -13.260 -0.709  -7.344  1.00 27.99 ? 1   G   A "O5'" 1 
ATOM   2   C  "C5'" . G   A 1 1  ? -13.406 -0.659  -8.771  1.00 28.08 ? 1   G   A "C5'" 1 
ATOM   3   C  "C4'" . G   A 1 1  ? -13.433 0.767   -9.262  1.00 27.24 ? 1   G   A "C4'" 1 
ATOM   4   O  "O4'" . G   A 1 1  ? -14.559 1.506   -8.709  1.00 26.54 ? 1   G   A "O4'" 1 
ATOM   5   C  "C3'" . G   A 1 1  ? -12.208 1.596   -8.881  1.00 25.38 ? 1   G   A "C3'" 1 
ATOM   6   O  "O3'" . G   A 1 1  ? -11.185 1.332   -9.834  1.00 26.03 ? 1   G   A "O3'" 1 
ATOM   7   C  "C2'" . G   A 1 1  ? -12.751 3.015   -8.996  1.00 25.09 ? 1   G   A "C2'" 1 
ATOM   8   O  "O2'" . G   A 1 1  ? -12.908 3.457   -10.336 1.00 25.07 ? 1   G   A "O2'" 1 
ATOM   9   C  "C1'" . G   A 1 1  ? -14.168 2.836   -8.432  1.00 24.68 ? 1   G   A "C1'" 1 
ATOM   10  N  N9    . G   A 1 1  ? -14.180 3.005   -6.983  1.00 21.56 ? 1   G   A N9    1 
ATOM   11  C  C8    . G   A 1 1  ? -14.246 2.025   -6.036  1.00 20.48 ? 1   G   A C8    1 
ATOM   12  N  N7    . G   A 1 1  ? -14.295 2.501   -4.819  1.00 22.38 ? 1   G   A N7    1 
ATOM   13  C  C5    . G   A 1 1  ? -14.239 3.879   -4.985  1.00 22.58 ? 1   G   A C5    1 
ATOM   14  C  C6    . G   A 1 1  ? -14.281 4.911   -4.030  1.00 19.67 ? 1   G   A C6    1 
ATOM   15  O  O6    . G   A 1 1  ? -14.401 4.815   -2.814  1.00 19.94 ? 1   G   A O6    1 
ATOM   16  N  N1    . G   A 1 1  ? -14.190 6.160   -4.611  1.00 22.28 ? 1   G   A N1    1 
ATOM   17  C  C2    . G   A 1 1  ? -14.080 6.384   -5.965  1.00 20.38 ? 1   G   A C2    1 
ATOM   18  N  N2    . G   A 1 1  ? -13.982 7.686   -6.354  1.00 20.25 ? 1   G   A N2    1 
ATOM   19  N  N3    . G   A 1 1  ? -14.062 5.415   -6.867  1.00 20.92 ? 1   G   A N3    1 
ATOM   20  C  C4    . G   A 1 1  ? -14.145 4.204   -6.310  1.00 20.05 ? 1   G   A C4    1 
ATOM   21  P  P     . C   A 1 2  ? -9.641  1.433   -9.377  1.00 29.36 ? 2   C   A P     1 
ATOM   22  O  OP1   . C   A 1 2  ? -8.822  0.913   -10.515 1.00 32.45 ? 2   C   A OP1   1 
ATOM   23  O  OP2   . C   A 1 2  ? -9.449  0.832   -8.027  1.00 26.69 ? 2   C   A OP2   1 
ATOM   24  O  "O5'" . C   A 1 2  ? -9.404  2.983   -9.156  1.00 26.13 ? 2   C   A "O5'" 1 
ATOM   25  C  "C5'" . C   A 1 2  ? -9.298  3.905   -10.230 1.00 26.97 ? 2   C   A "C5'" 1 
ATOM   26  C  "C4'" . C   A 1 2  ? -9.248  5.303   -9.683  1.00 26.68 ? 2   C   A "C4'" 1 
ATOM   27  O  "O4'" . C   A 1 2  ? -10.476 5.601   -8.942  1.00 26.60 ? 2   C   A "O4'" 1 
ATOM   28  C  "C3'" . C   A 1 2  ? -8.159  5.519   -8.629  1.00 25.54 ? 2   C   A "C3'" 1 
ATOM   29  O  "O3'" . C   A 1 2  ? -6.881  5.722   -9.230  1.00 30.52 ? 2   C   A "O3'" 1 
ATOM   30  C  "C2'" . C   A 1 2  ? -8.670  6.758   -7.930  1.00 25.20 ? 2   C   A "C2'" 1 
ATOM   31  O  "O2'" . C   A 1 2  ? -8.531  7.892   -8.709  1.00 27.19 ? 2   C   A "O2'" 1 
ATOM   32  C  "C1'" . C   A 1 2  ? -10.181 6.469   -7.854  1.00 24.32 ? 2   C   A "C1'" 1 
ATOM   33  N  N1    . C   A 1 2  ? -10.439 5.769   -6.592  1.00 21.42 ? 2   C   A N1    1 
ATOM   34  C  C2    . C   A 1 2  ? -10.602 6.536   -5.473  1.00 21.58 ? 2   C   A C2    1 
ATOM   35  O  O2    . C   A 1 2  ? -10.497 7.756   -5.596  1.00 22.32 ? 2   C   A O2    1 
ATOM   36  N  N3    . C   A 1 2  ? -10.845 5.948   -4.284  1.00 21.53 ? 2   C   A N3    1 
ATOM   37  C  C4    . C   A 1 2  ? -10.882 4.625   -4.201  1.00 21.78 ? 2   C   A C4    1 
ATOM   38  N  N4    . C   A 1 2  ? -11.104 4.075   -2.998  1.00 23.40 ? 2   C   A N4    1 
ATOM   39  C  C5    . C   A 1 2  ? -10.680 3.788   -5.350  1.00 21.38 ? 2   C   A C5    1 
ATOM   40  C  C6    . C   A 1 2  ? -10.482 4.409   -6.521  1.00 20.70 ? 2   C   A C6    1 
ATOM   41  P  P     . G   A 1 3  ? -5.554  5.354   -8.396  1.00 28.81 ? 3   G   A P     1 
ATOM   42  O  OP1   . G   A 1 3  ? -4.444  5.589   -9.409  1.00 32.29 ? 3   G   A OP1   1 
ATOM   43  O  OP2   . G   A 1 3  ? -5.643  4.083   -7.747  1.00 25.93 ? 3   G   A OP2   1 
ATOM   44  O  "O5'" . G   A 1 3  ? -5.465  6.515   -7.307  1.00 26.41 ? 3   G   A "O5'" 1 
ATOM   45  C  "C5'" . G   A 1 3  ? -5.339  7.869   -7.706  1.00 25.81 ? 3   G   A "C5'" 1 
ATOM   46  C  "C4'" . G   A 1 3  ? -5.311  8.753   -6.508  1.00 29.18 ? 3   G   A "C4'" 1 
ATOM   47  O  "O4'" . G   A 1 3  ? -6.625  8.681   -5.863  1.00 26.79 ? 3   G   A "O4'" 1 
ATOM   48  C  "C3'" . G   A 1 3  ? -4.348  8.335   -5.397  1.00 26.59 ? 3   G   A "C3'" 1 
ATOM   49  O  "O3'" . G   A 1 3  ? -2.997  8.814   -5.597  1.00 27.56 ? 3   G   A "O3'" 1 
ATOM   50  C  "C2'" . G   A 1 3  ? -4.966  9.024   -4.193  1.00 26.79 ? 3   G   A "C2'" 1 
ATOM   51  O  "O2'" . G   A 1 3  ? -4.705  10.406  -4.205  1.00 27.69 ? 3   G   A "O2'" 1 
ATOM   52  C  "C1'" . G   A 1 3  ? -6.463  8.853   -4.473  1.00 25.70 ? 3   G   A "C1'" 1 
ATOM   53  N  N9    . G   A 1 3  ? -6.956  7.667   -3.805  1.00 22.70 ? 3   G   A N9    1 
ATOM   54  C  C8    . G   A 1 3  ? -7.150  6.427   -4.330  1.00 19.69 ? 3   G   A C8    1 
ATOM   55  N  N7    . G   A 1 3  ? -7.584  5.570   -3.441  1.00 22.76 ? 3   G   A N7    1 
ATOM   56  C  C5    . G   A 1 3  ? -7.727  6.316   -2.285  1.00 21.29 ? 3   G   A C5    1 
ATOM   57  C  C6    . G   A 1 3  ? -8.245  5.943   -1.000  1.00 19.60 ? 3   G   A C6    1 
ATOM   58  O  O6    . G   A 1 3  ? -8.719  4.861   -0.665  1.00 22.16 ? 3   G   A O6    1 
ATOM   59  N  N1    . G   A 1 3  ? -8.161  6.988   -0.081  1.00 20.03 ? 3   G   A N1    1 
ATOM   60  C  C2    . G   A 1 3  ? -7.668  8.245   -0.373  1.00 18.51 ? 3   G   A C2    1 
ATOM   61  N  N2    . G   A 1 3  ? -7.620  9.123   0.671   1.00 18.99 ? 3   G   A N2    1 
ATOM   62  N  N3    . G   A 1 3  ? -7.254  8.617   -1.591  1.00 21.37 ? 3   G   A N3    1 
ATOM   63  C  C4    . G   A 1 3  ? -7.307  7.598   -2.480  1.00 20.65 ? 3   G   A C4    1 
ATOM   64  P  P     . U   A 1 4  ? -1.777  7.884   -5.138  1.00 27.86 ? 4   U   A P     1 
ATOM   65  O  OP1   . U   A 1 4  ? -0.558  8.584   -5.709  1.00 29.42 ? 4   U   A OP1   1 
ATOM   66  O  OP2   . U   A 1 4  ? -1.933  6.436   -5.374  1.00 25.42 ? 4   U   A OP2   1 
ATOM   67  O  "O5'" . U   A 1 4  ? -1.736  7.995   -3.543  1.00 28.35 ? 4   U   A "O5'" 1 
ATOM   68  C  "C5'" . U   A 1 4  ? -1.527  9.239   -2.902  1.00 24.71 ? 4   U   A "C5'" 1 
ATOM   69  C  "C4'" . U   A 1 4  ? -1.832  9.103   -1.424  1.00 25.52 ? 4   U   A "C4'" 1 
ATOM   70  O  "O4'" . U   A 1 4  ? -3.275  8.904   -1.281  1.00 27.71 ? 4   U   A "O4'" 1 
ATOM   71  C  "C3'" . U   A 1 4  ? -1.264  7.895   -0.707  1.00 27.31 ? 4   U   A "C3'" 1 
ATOM   72  O  "O3'" . U   A 1 4  ? 0.104   8.107   -0.304  1.00 32.30 ? 4   U   A "O3'" 1 
ATOM   73  C  "C2'" . U   A 1 4  ? -2.175  7.819   0.518   1.00 28.44 ? 4   U   A "C2'" 1 
ATOM   74  O  "O2'" . U   A 1 4  ? -1.925  8.857   1.444   1.00 27.54 ? 4   U   A "O2'" 1 
ATOM   75  C  "C1'" . U   A 1 4  ? -3.540  8.137   -0.113  1.00 25.72 ? 4   U   A "C1'" 1 
ATOM   76  N  N1    . U   A 1 4  ? -4.152  6.859   -0.466  1.00 23.68 ? 4   U   A N1    1 
ATOM   77  C  C2    . U   A 1 4  ? -4.876  6.237   0.533   1.00 22.97 ? 4   U   A C2    1 
ATOM   78  O  O2    . U   A 1 4  ? -5.059  6.772   1.639   1.00 24.54 ? 4   U   A O2    1 
ATOM   79  N  N3    . U   A 1 4  ? -5.360  4.984   0.219   1.00 22.86 ? 4   U   A N3    1 
ATOM   80  C  C4    . U   A 1 4  ? -5.195  4.307   -0.972  1.00 23.10 ? 4   U   A C4    1 
ATOM   81  O  O4    . U   A 1 4  ? -5.726  3.222   -1.124  1.00 24.89 ? 4   U   A O4    1 
ATOM   82  C  C5    . U   A 1 4  ? -4.431  5.026   -1.976  1.00 23.48 ? 4   U   A C5    1 
ATOM   83  C  C6    . U   A 1 4  ? -3.972  6.254   -1.704  1.00 23.00 ? 4   U   A C6    1 
ATOM   84  P  P     . C   A 1 5  ? 1.152   6.884   -0.397  1.00 36.36 ? 5   C   A P     1 
ATOM   85  O  OP1   . C   A 1 5  ? 2.403   7.394   0.275   1.00 36.53 ? 5   C   A OP1   1 
ATOM   86  O  OP2   . C   A 1 5  ? 1.211   6.356   -1.754  1.00 33.90 ? 5   C   A OP2   1 
ATOM   87  O  "O5'" . C   A 1 5  ? 0.550   5.686   0.468   1.00 36.05 ? 5   C   A "O5'" 1 
ATOM   88  C  "C5'" . C   A 1 5  ? 0.304   5.838   1.828   1.00 36.70 ? 5   C   A "C5'" 1 
ATOM   89  C  "C4'" . C   A 1 5  ? -0.689  4.808   2.297   1.00 36.35 ? 5   C   A "C4'" 1 
ATOM   90  O  "O4'" . C   A 1 5  ? -1.663  4.488   1.255   1.00 32.30 ? 5   C   A "O4'" 1 
ATOM   91  C  "C3'" . C   A 1 5  ? -0.146  3.426   2.613   1.00 35.07 ? 5   C   A "C3'" 1 
ATOM   92  O  "O3'" . C   A 1 5  ? 0.513   3.433   3.870   1.00 35.25 ? 5   C   A "O3'" 1 
ATOM   93  C  "C2'" . C   A 1 5  ? -1.454  2.664   2.766   1.00 33.42 ? 5   C   A "C2'" 1 
ATOM   94  O  "O2'" . C   A 1 5  ? -1.967  2.930   4.079   1.00 34.51 ? 5   C   A "O2'" 1 
ATOM   95  C  "C1'" . C   A 1 5  ? -2.303  3.315   1.658   1.00 28.48 ? 5   C   A "C1'" 1 
ATOM   96  N  N1    . C   A 1 5  ? -2.506  2.465   0.495   1.00 26.11 ? 5   C   A N1    1 
ATOM   97  C  C2    . C   A 1 5  ? -3.307  1.380   0.691   1.00 23.08 ? 5   C   A C2    1 
ATOM   98  O  O2    . C   A 1 5  ? -3.718  1.161   1.824   1.00 24.22 ? 5   C   A O2    1 
ATOM   99  N  N3    . C   A 1 5  ? -3.623  0.587   -0.333  1.00 24.16 ? 5   C   A N3    1 
ATOM   100 C  C4    . C   A 1 5  ? -3.134  0.842   -1.543  1.00 26.64 ? 5   C   A C4    1 
ATOM   101 N  N4    . C   A 1 5  ? -3.524  -0.009  -2.550  1.00 28.01 ? 5   C   A N4    1 
ATOM   102 C  C5    . C   A 1 5  ? -2.260  1.936   -1.786  1.00 26.66 ? 5   C   A C5    1 
ATOM   103 C  C6    . C   A 1 5  ? -1.967  2.728   -0.743  1.00 26.14 ? 5   C   A C6    1 
ATOM   104 P  P     . A   A 1 6  ? 1.598   2.312   4.202   1.00 32.59 ? 6   A   A P     1 
ATOM   105 O  OP1   . A   A 1 6  ? 2.932   2.879   3.879   1.00 36.70 ? 6   A   A OP1   1 
ATOM   106 O  OP2   . A   A 1 6  ? 1.191   1.079   3.532   1.00 32.84 ? 6   A   A OP2   1 
ATOM   107 O  "O5'" . A   A 1 6  ? 1.449   2.257   5.782   1.00 36.40 ? 6   A   A "O5'" 1 
ATOM   108 C  "C5'" . A   A 1 6  ? 1.762   3.415   6.589   1.00 31.39 ? 6   A   A "C5'" 1 
ATOM   109 C  "C4'" . A   A 1 6  ? 1.145   3.277   7.956   1.00 31.33 ? 6   A   A "C4'" 1 
ATOM   110 O  "O4'" . A   A 1 6  ? -0.306  3.227   7.843   1.00 24.96 ? 6   A   A "O4'" 1 
ATOM   111 C  "C3'" . A   A 1 6  ? 1.472   1.989   8.682   1.00 32.18 ? 6   A   A "C3'" 1 
ATOM   112 O  "O3'" . A   A 1 6  ? 2.766   2.052   9.267   1.00 40.98 ? 6   A   A "O3'" 1 
ATOM   113 C  "C2'" . A   A 1 6  ? 0.368   1.923   9.716   1.00 32.17 ? 6   A   A "C2'" 1 
ATOM   114 O  "O2'" . A   A 1 6  ? 0.572   2.849   10.769  1.00 35.26 ? 6   A   A "O2'" 1 
ATOM   115 C  "C1'" . A   A 1 6  ? -0.832  2.414   8.885   1.00 26.17 ? 6   A   A "C1'" 1 
ATOM   116 N  N9    . A   A 1 6  ? -1.532  1.277   8.292   1.00 22.76 ? 6   A   A N9    1 
ATOM   117 C  C8    . A   A 1 6  ? -1.658  0.954   6.973   1.00 22.69 ? 6   A   A C8    1 
ATOM   118 N  N7    . A   A 1 6  ? -2.321  -0.159  6.766   1.00 23.36 ? 6   A   A N7    1 
ATOM   119 C  C5    . A   A 1 6  ? -2.676  -0.573  8.041   1.00 21.50 ? 6   A   A C5    1 
ATOM   120 C  C6    . A   A 1 6  ? -3.392  -1.683  8.515   1.00 22.08 ? 6   A   A C6    1 
ATOM   121 N  N6    . A   A 1 6  ? -3.953  -2.622  7.702   1.00 22.33 ? 6   A   A N6    1 
ATOM   122 N  N1    . A   A 1 6  ? -3.530  -1.823  9.857   1.00 23.06 ? 6   A   A N1    1 
ATOM   123 C  C2    . A   A 1 6  ? -2.994  -0.890  10.656  1.00 23.83 ? 6   A   A C2    1 
ATOM   124 N  N3    . A   A 1 6  ? -2.306  0.204   10.322  1.00 23.23 ? 6   A   A N3    1 
ATOM   125 C  C4    . A   A 1 6  ? -2.184  0.304   8.984   1.00 22.22 ? 6   A   A C4    1 
ATOM   126 P  P     . G   A 1 7  ? 3.848   0.906   8.903   1.00 42.39 ? 7   G   A P     1 
ATOM   127 O  OP1   . G   A 1 7  ? 4.990   1.222   9.800   1.00 48.78 ? 7   G   A OP1   1 
ATOM   128 O  OP2   . G   A 1 7  ? 4.075   0.769   7.443   1.00 38.69 ? 7   G   A OP2   1 
ATOM   129 O  "O5'" . G   A 1 7  ? 3.177   -0.412  9.485   1.00 39.40 ? 7   G   A "O5'" 1 
ATOM   130 C  "C5'" . G   A 1 7  ? 2.777   -0.464  10.834  1.00 34.97 ? 7   G   A "C5'" 1 
ATOM   131 C  "C4'" . G   A 1 7  ? 1.939   -1.697  11.089  1.00 38.16 ? 7   G   A "C4'" 1 
ATOM   132 O  "O4'" . G   A 1 7  ? 0.623   -1.535  10.468  1.00 34.92 ? 7   G   A "O4'" 1 
ATOM   133 C  "C3'" . G   A 1 7  ? 2.446   -3.002  10.481  1.00 37.69 ? 7   G   A "C3'" 1 
ATOM   134 O  "O3'" . G   A 1 7  ? 3.495   -3.593  11.250  1.00 43.59 ? 7   G   A "O3'" 1 
ATOM   135 C  "C2'" . G   A 1 7  ? 1.176   -3.836  10.519  1.00 33.75 ? 7   G   A "C2'" 1 
ATOM   136 O  "O2'" . G   A 1 7  ? 0.883   -4.245  11.842  1.00 35.20 ? 7   G   A "O2'" 1 
ATOM   137 C  "C1'" . G   A 1 7  ? 0.140   -2.794  10.061  1.00 32.96 ? 7   G   A "C1'" 1 
ATOM   138 N  N9    . G   A 1 7  ? 0.014   -2.773  8.611   1.00 28.23 ? 7   G   A N9    1 
ATOM   139 C  C8    . G   A 1 7  ? 0.583   -1.899  7.727   1.00 25.62 ? 7   G   A C8    1 
ATOM   140 N  N7    . G   A 1 7  ? 0.322   -2.197  6.483   1.00 26.99 ? 7   G   A N7    1 
ATOM   141 C  C5    . G   A 1 7  ? -0.480  -3.321  6.560   1.00 25.20 ? 7   G   A C5    1 
ATOM   142 C  C6    . G   A 1 7  ? -1.080  -4.093  5.537   1.00 25.10 ? 7   G   A C6    1 
ATOM   143 O  O6    . G   A 1 7  ? -1.035  -3.922  4.290   1.00 25.89 ? 7   G   A O6    1 
ATOM   144 N  N1    . G   A 1 7  ? -1.812  -5.143  6.071   1.00 25.25 ? 7   G   A N1    1 
ATOM   145 C  C2    . G   A 1 7  ? -1.953  -5.408  7.398   1.00 25.11 ? 7   G   A C2    1 
ATOM   146 N  N2    . G   A 1 7  ? -2.684  -6.453  7.720   1.00 27.20 ? 7   G   A N2    1 
ATOM   147 N  N3    . G   A 1 7  ? -1.409  -4.694  8.352   1.00 27.64 ? 7   G   A N3    1 
ATOM   148 C  C4    . G   A 1 7  ? -0.688  -3.678  7.861   1.00 25.40 ? 7   G   A C4    1 
ATOM   149 P  P     . G   A 1 8  ? 4.731   -4.326  10.499  1.00 44.30 ? 8   G   A P     1 
ATOM   150 O  OP1   . G   A 1 8  ? 5.509   -4.927  11.620  1.00 44.72 ? 8   G   A OP1   1 
ATOM   151 O  OP2   . G   A 1 8  ? 5.400   -3.411  9.528   1.00 43.65 ? 8   G   A OP2   1 
ATOM   152 O  "O5'" . G   A 1 8  ? 4.074   -5.504  9.669   1.00 39.95 ? 8   G   A "O5'" 1 
ATOM   153 C  "C5'" . G   A 1 8  ? 3.616   -6.672  10.304  1.00 37.03 ? 8   G   A "C5'" 1 
ATOM   154 C  "C4'" . G   A 1 8  ? 2.854   -7.509  9.323   1.00 37.70 ? 8   G   A "C4'" 1 
ATOM   155 O  "O4'" . G   A 1 8  ? 1.753   -6.708  8.817   1.00 36.54 ? 8   G   A "O4'" 1 
ATOM   156 C  "C3'" . G   A 1 8  ? 3.592   -7.909  8.049   1.00 37.21 ? 8   G   A "C3'" 1 
ATOM   157 O  "O3'" . G   A 1 8  ? 4.448   -9.045  8.233   1.00 36.35 ? 8   G   A "O3'" 1 
ATOM   158 C  "C2'" . G   A 1 8  ? 2.419   -8.210  7.128   1.00 34.97 ? 8   G   A "C2'" 1 
ATOM   159 O  "O2'" . G   A 1 8  ? 1.712   -9.389  7.449   1.00 35.30 ? 8   G   A "O2'" 1 
ATOM   160 C  "C1'" . G   A 1 8  ? 1.504   -7.026  7.448   1.00 34.71 ? 8   G   A "C1'" 1 
ATOM   161 N  N9    . G   A 1 8  ? 1.919   -5.890  6.635   1.00 32.72 ? 8   G   A N9    1 
ATOM   162 C  C8    . G   A 1 8  ? 2.663   -4.823  7.047   1.00 30.97 ? 8   G   A C8    1 
ATOM   163 N  N7    . G   A 1 8  ? 2.964   -4.011  6.070   1.00 30.00 ? 8   G   A N7    1 
ATOM   164 C  C5    . G   A 1 8  ? 2.365   -4.568  4.956   1.00 29.55 ? 8   G   A C5    1 
ATOM   165 C  C6    . G   A 1 8  ? 2.370   -4.136  3.590   1.00 29.13 ? 8   G   A C6    1 
ATOM   166 O  O6    . G   A 1 8  ? 2.928   -3.151  3.101   1.00 28.71 ? 8   G   A O6    1 
ATOM   167 N  N1    . G   A 1 8  ? 1.646   -4.992  2.784   1.00 30.31 ? 8   G   A N1    1 
ATOM   168 C  C2    . G   A 1 8  ? 1.007   -6.124  3.227   1.00 29.96 ? 8   G   A C2    1 
ATOM   169 N  N2    . G   A 1 8  ? 0.377   -6.849  2.304   1.00 32.13 ? 8   G   A N2    1 
ATOM   170 N  N3    . G   A 1 8  ? 0.997   -6.529  4.486   1.00 30.48 ? 8   G   A N3    1 
ATOM   171 C  C4    . G   A 1 8  ? 1.700   -5.713  5.284   1.00 28.75 ? 8   G   A C4    1 
ATOM   172 P  P     . U   A 1 9  ? 5.754   -9.219  7.293   1.00 34.47 ? 9   U   A P     1 
ATOM   173 O  OP1   . U   A 1 9  ? 6.335   -10.527 7.703   1.00 39.78 ? 9   U   A OP1   1 
ATOM   174 O  OP2   . U   A 1 9  ? 6.617   -8.025  7.259   1.00 31.97 ? 9   U   A OP2   1 
ATOM   175 O  "O5'" . U   A 1 9  ? 5.156   -9.438  5.850   1.00 31.99 ? 9   U   A "O5'" 1 
ATOM   176 C  "C5'" . U   A 1 9  ? 4.343   -10.542 5.589   1.00 29.91 ? 9   U   A "C5'" 1 
ATOM   177 C  "C4'" . U   A 1 9  ? 3.906   -10.513 4.160   1.00 30.29 ? 9   U   A "C4'" 1 
ATOM   178 O  "O4'" . U   A 1 9  ? 3.234   -9.230  3.898   1.00 29.93 ? 9   U   A "O4'" 1 
ATOM   179 C  "C3'" . U   A 1 9  ? 5.053   -10.465 3.156   1.00 28.60 ? 9   U   A "C3'" 1 
ATOM   180 O  "O3'" . U   A 1 9  ? 5.609   -11.751 2.944   1.00 27.90 ? 9   U   A "O3'" 1 
ATOM   181 C  "C2'" . U   A 1 9  ? 4.322   -9.961  1.921   1.00 26.56 ? 9   U   A "C2'" 1 
ATOM   182 O  "O2'" . U   A 1 9  ? 3.508   -10.964 1.400   1.00 27.78 ? 9   U   A "O2'" 1 
ATOM   183 C  "C1'" . U   A 1 9  ? 3.417   -8.872  2.531   1.00 25.74 ? 9   U   A "C1'" 1 
ATOM   184 N  N1    . U   A 1 9  ? 4.105   -7.572  2.494   1.00 23.65 ? 9   U   A N1    1 
ATOM   185 C  C2    . U   A 1 9  ? 4.207   -6.954  1.261   1.00 21.93 ? 9   U   A C2    1 
ATOM   186 O  O2    . U   A 1 9  ? 3.749   -7.456  0.242   1.00 25.42 ? 9   U   A O2    1 
ATOM   187 N  N3    . U   A 1 9  ? 4.847   -5.744  1.262   1.00 21.51 ? 9   U   A N3    1 
ATOM   188 C  C4    . U   A 1 9  ? 5.401   -5.105  2.339   1.00 23.76 ? 9   U   A C4    1 
ATOM   189 O  O4    . U   A 1 9  ? 5.938   -3.998  2.186   1.00 27.00 ? 9   U   A O4    1 
ATOM   190 C  C5    . U   A 1 9  ? 5.268   -5.814  3.597   1.00 23.56 ? 9   U   A C5    1 
ATOM   191 C  C6    . U   A 1 9  ? 4.636   -7.008  3.617   1.00 23.80 ? 9   U   A C6    1 
ATOM   192 P  P     . C   A 1 10 ? 7.191   -11.868 2.637   1.00 29.53 ? 10  C   A P     1 
ATOM   193 O  OP1   . C   A 1 10 ? 7.421   -13.338 2.774   1.00 32.94 ? 10  C   A OP1   1 
ATOM   194 O  OP2   . C   A 1 10 ? 7.976   -10.948 3.418   1.00 25.26 ? 10  C   A OP2   1 
ATOM   195 O  "O5'" . C   A 1 10 ? 7.300   -11.466 1.090   1.00 23.85 ? 10  C   A "O5'" 1 
ATOM   196 C  "C5'" . C   A 1 10 ? 6.548   -12.194 0.133   1.00 22.43 ? 10  C   A "C5'" 1 
ATOM   197 C  "C4'" . C   A 1 10 ? 6.509   -11.450 -1.169  1.00 22.38 ? 10  C   A "C4'" 1 
ATOM   198 O  "O4'" . C   A 1 10 ? 5.937   -10.118 -0.972  1.00 22.83 ? 10  C   A "O4'" 1 
ATOM   199 C  "C3'" . C   A 1 10 ? 7.905   -11.150 -1.723  1.00 22.20 ? 10  C   A "C3'" 1 
ATOM   200 O  "O3'" . C   A 1 10 ? 8.362   -12.302 -2.416  1.00 21.79 ? 10  C   A "O3'" 1 
ATOM   201 C  "C2'" . C   A 1 10 ? 7.610   -10.015 -2.691  1.00 21.89 ? 10  C   A "C2'" 1 
ATOM   202 O  "O2'" . C   A 1 10 ? 6.964   -10.509 -3.863  1.00 23.65 ? 10  C   A "O2'" 1 
ATOM   203 C  "C1'" . C   A 1 10 ? 6.587   -9.207  -1.876  1.00 21.87 ? 10  C   A "C1'" 1 
ATOM   204 N  N1    . C   A 1 10 ? 7.232   -8.125  -1.123  1.00 20.74 ? 10  C   A N1    1 
ATOM   205 C  C2    . C   A 1 10 ? 7.671   -7.037  -1.842  1.00 21.06 ? 10  C   A C2    1 
ATOM   206 O  O2    . C   A 1 10 ? 7.504   -7.054  -3.087  1.00 21.11 ? 10  C   A O2    1 
ATOM   207 N  N3    . C   A 1 10 ? 8.241   -6.003  -1.210  1.00 22.02 ? 10  C   A N3    1 
ATOM   208 C  C4    . C   A 1 10 ? 8.372   -6.034  0.128   1.00 23.83 ? 10  C   A C4    1 
ATOM   209 N  N4    . C   A 1 10 ? 8.927   -5.004  0.733   1.00 22.29 ? 10  C   A N4    1 
ATOM   210 C  C5    . C   A 1 10 ? 7.921   -7.149  0.896   1.00 22.95 ? 10  C   A C5    1 
ATOM   211 C  C6    . C   A 1 10 ? 7.377   -8.166  0.232   1.00 20.57 ? 10  C   A C6    1 
HETATM 212 P  P     . CBV A 1 11 ? 9.968   -12.535 -2.626  1.00 23.07 ? 11  CBV A P     1 
HETATM 213 O  O1P   . CBV A 1 11 ? 10.716  -12.238 -1.389  1.00 24.76 ? 11  CBV A O1P   1 
HETATM 214 O  O2P   . CBV A 1 11 ? 10.044  -13.894 -3.247  1.00 24.88 ? 11  CBV A O2P   1 
HETATM 215 O  "O5'" . CBV A 1 11 ? 10.372  -11.441 -3.717  1.00 22.06 ? 11  CBV A "O5'" 1 
HETATM 216 C  "C5'" . CBV A 1 11 ? 9.874   -11.530 -5.052  1.00 19.50 ? 11  CBV A "C5'" 1 
HETATM 217 C  "C4'" . CBV A 1 11 ? 10.386  -10.376 -5.880  1.00 20.63 ? 11  CBV A "C4'" 1 
HETATM 218 O  "O4'" . CBV A 1 11 ? 9.862   -9.104  -5.457  1.00 19.08 ? 11  CBV A "O4'" 1 
HETATM 219 C  "C3'" . CBV A 1 11 ? 11.897  -10.174 -5.828  1.00 15.79 ? 11  CBV A "C3'" 1 
HETATM 220 O  "O3'" . CBV A 1 11 ? 12.491  -11.106 -6.753  1.00 18.82 ? 11  CBV A "O3'" 1 
HETATM 221 C  "C2'" . CBV A 1 11 ? 12.018  -8.783  -6.393  1.00 16.76 ? 11  CBV A "C2'" 1 
HETATM 222 C  "C1'" . CBV A 1 11 ? 10.831  -8.103  -5.674  1.00 19.23 ? 11  CBV A "C1'" 1 
HETATM 223 N  N1    . CBV A 1 11 ? 11.215  -7.569  -4.353  1.00 19.54 ? 11  CBV A N1    1 
HETATM 224 C  C2    . CBV A 1 11 ? 11.858  -6.346  -4.317  1.00 21.39 ? 11  CBV A C2    1 
HETATM 225 O  O2    . CBV A 1 11 ? 12.179  -5.797  -5.402  1.00 20.13 ? 11  CBV A O2    1 
HETATM 226 N  N3    . CBV A 1 11 ? 12.134  -5.769  -3.137  1.00 20.89 ? 11  CBV A N3    1 
HETATM 227 C  C4    . CBV A 1 11 ? 11.842  -6.396  -2.006  1.00 21.79 ? 11  CBV A C4    1 
HETATM 228 N  N4    . CBV A 1 11 ? 12.136  -5.748  -0.863  1.00 21.50 ? 11  CBV A N4    1 
HETATM 229 C  C5    . CBV A 1 11 ? 11.246  -7.684  -2.011  1.00 22.42 ? 11  CBV A C5    1 
HETATM 230 C  C6    . CBV A 1 11 ? 10.926  -8.229  -3.194  1.00 20.28 ? 11  CBV A C6    1 
HETATM 231 BR BR    . CBV A 1 11 ? 10.945  -8.629  -0.408  1.00 26.13 ? 11  CBV A BR    1 
ATOM   232 P  P     . G   A 1 12 ? 14.179  -11.452 -6.439  1.00 18.97 ? 12  G   A P     1 
ATOM   233 O  OP1   . G   A 1 12 ? 14.570  -12.507 -7.424  1.00 18.62 ? 12  G   A OP1   1 
ATOM   234 O  OP2   . G   A 1 12 ? 14.421  -11.696 -4.978  1.00 18.82 ? 12  G   A OP2   1 
ATOM   235 O  "O5'" . G   A 1 12 ? 14.892  -10.064 -6.745  1.00 17.68 ? 12  G   A "O5'" 1 
ATOM   236 C  "C5'" . G   A 1 12 ? 14.982  -9.538  -8.075  1.00 19.16 ? 12  G   A "C5'" 1 
ATOM   237 C  "C4'" . G   A 1 12 ? 15.841  -8.293  -8.077  1.00 18.64 ? 12  G   A "C4'" 1 
ATOM   238 O  "O4'" . G   A 1 12 ? 15.216  -7.245  -7.294  1.00 18.52 ? 12  G   A "O4'" 1 
ATOM   239 C  "C3'" . G   A 1 12 ? 17.221  -8.439  -7.441  1.00 19.36 ? 12  G   A "C3'" 1 
ATOM   240 O  "O3'" . G   A 1 12 ? 18.082  -9.070  -8.413  1.00 20.14 ? 12  G   A "O3'" 1 
ATOM   241 C  "C2'" . G   A 1 12 ? 17.569  -6.980  -7.153  1.00 19.36 ? 12  G   A "C2'" 1 
ATOM   242 O  "O2'" . G   A 1 12 ? 17.929  -6.288  -8.348  1.00 20.59 ? 12  G   A "O2'" 1 
ATOM   243 C  "C1'" . G   A 1 12 ? 16.206  -6.471  -6.663  1.00 18.73 ? 12  G   A "C1'" 1 
ATOM   244 N  N9    . G   A 1 12 ? 16.025  -6.565  -5.217  1.00 17.58 ? 12  G   A N9    1 
ATOM   245 C  C8    . G   A 1 12 ? 15.403  -7.545  -4.484  1.00 19.68 ? 12  G   A C8    1 
ATOM   246 N  N7    . G   A 1 12 ? 15.347  -7.262  -3.212  1.00 18.96 ? 12  G   A N7    1 
ATOM   247 C  C5    . G   A 1 12 ? 15.992  -6.036  -3.104  1.00 18.07 ? 12  G   A C5    1 
ATOM   248 C  C6    . G   A 1 12 ? 16.269  -5.242  -1.979  1.00 21.96 ? 12  G   A C6    1 
ATOM   249 O  O6    . G   A 1 12 ? 15.994  -5.476  -0.784  1.00 23.96 ? 12  G   A O6    1 
ATOM   250 N  N1    . G   A 1 12 ? 16.973  -4.071  -2.324  1.00 22.48 ? 12  G   A N1    1 
ATOM   251 C  C2    . G   A 1 12 ? 17.349  -3.733  -3.616  1.00 23.19 ? 12  G   A C2    1 
ATOM   252 N  N2    . G   A 1 12 ? 17.999  -2.564  -3.781  1.00 21.46 ? 12  G   A N2    1 
ATOM   253 N  N3    . G   A 1 12 ? 17.093  -4.491  -4.671  1.00 19.78 ? 12  G   A N3    1 
ATOM   254 C  C4    . G   A 1 12 ? 16.424  -5.612  -4.339  1.00 19.61 ? 12  G   A C4    1 
ATOM   255 O  "O5'" . C   B 2 1  ? 17.774  2.537   3.253   1.00 47.51 ? 13  C   B "O5'" 1 
ATOM   256 C  "C5'" . C   B 2 1  ? 19.083  3.048   2.994   1.00 42.70 ? 13  C   B "C5'" 1 
ATOM   257 C  "C4'" . C   B 2 1  ? 19.461  2.767   1.553   1.00 39.97 ? 13  C   B "C4'" 1 
ATOM   258 O  "O4'" . C   B 2 1  ? 20.075  1.454   1.468   1.00 37.55 ? 13  C   B "O4'" 1 
ATOM   259 C  "C3'" . C   B 2 1  ? 18.303  2.688   0.568   1.00 37.90 ? 13  C   B "C3'" 1 
ATOM   260 O  "O3'" . C   B 2 1  ? 17.915  3.981   0.145   1.00 36.95 ? 13  C   B "O3'" 1 
ATOM   261 C  "C2'" . C   B 2 1  ? 18.927  1.871   -0.557  1.00 36.17 ? 13  C   B "C2'" 1 
ATOM   262 O  "O2'" . C   B 2 1  ? 19.872  2.583   -1.326  1.00 32.83 ? 13  C   B "O2'" 1 
ATOM   263 C  "C1'" . C   B 2 1  ? 19.695  0.821   0.250   1.00 36.21 ? 13  C   B "C1'" 1 
ATOM   264 N  N1    . C   B 2 1  ? 18.827  -0.334  0.579   1.00 34.80 ? 13  C   B N1    1 
ATOM   265 C  C2    . C   B 2 1  ? 18.507  -1.251  -0.445  1.00 33.26 ? 13  C   B C2    1 
ATOM   266 O  O2    . C   B 2 1  ? 18.986  -1.069  -1.567  1.00 30.81 ? 13  C   B O2    1 
ATOM   267 N  N3    . C   B 2 1  ? 17.683  -2.306  -0.174  1.00 32.18 ? 13  C   B N3    1 
ATOM   268 C  C4    . C   B 2 1  ? 17.186  -2.456  1.062   1.00 35.05 ? 13  C   B C4    1 
ATOM   269 N  N4    . C   B 2 1  ? 16.362  -3.480  1.284   1.00 34.10 ? 13  C   B N4    1 
ATOM   270 C  C5    . C   B 2 1  ? 17.510  -1.545  2.130   1.00 35.72 ? 13  C   B C5    1 
ATOM   271 C  C6    . C   B 2 1  ? 18.332  -0.510  1.844   1.00 35.22 ? 13  C   B C6    1 
ATOM   272 P  P     . G   B 2 2  ? 16.406  4.241   -0.279  1.00 39.36 ? 14  G   B P     1 
ATOM   273 O  OP1   . G   B 2 2  ? 16.226  5.700   -0.496  1.00 41.50 ? 14  G   B OP1   1 
ATOM   274 O  OP2   . G   B 2 2  ? 15.523  3.503   0.661   1.00 37.61 ? 14  G   B OP2   1 
ATOM   275 O  "O5'" . G   B 2 2  ? 16.242  3.519   -1.702  1.00 37.54 ? 14  G   B "O5'" 1 
ATOM   276 C  "C5'" . G   B 2 2  ? 16.896  3.994   -2.863  1.00 35.53 ? 14  G   B "C5'" 1 
ATOM   277 C  "C4'" . G   B 2 2  ? 16.628  3.050   -4.017  1.00 33.08 ? 14  G   B "C4'" 1 
ATOM   278 O  "O4'" . G   B 2 2  ? 17.209  1.753   -3.705  1.00 32.23 ? 14  G   B "O4'" 1 
ATOM   279 C  "C3'" . G   B 2 2  ? 15.176  2.698   -4.275  1.00 32.47 ? 14  G   B "C3'" 1 
ATOM   280 O  "O3'" . G   B 2 2  ? 14.507  3.697   -5.033  1.00 35.63 ? 14  G   B "O3'" 1 
ATOM   281 C  "C2'" . G   B 2 2  ? 15.334  1.431   -5.098  1.00 30.75 ? 14  G   B "C2'" 1 
ATOM   282 O  "O2'" . G   B 2 2  ? 15.841  1.678   -6.400  1.00 31.23 ? 14  G   B "O2'" 1 
ATOM   283 C  "C1'" . G   B 2 2  ? 16.406  0.726   -4.282  1.00 29.41 ? 14  G   B "C1'" 1 
ATOM   284 N  N9    . G   B 2 2  ? 15.731  -0.016  -3.220  1.00 27.85 ? 14  G   B N9    1 
ATOM   285 C  C8    . G   B 2 2  ? 15.639  0.277   -1.880  1.00 26.38 ? 14  G   B C8    1 
ATOM   286 N  N7    . G   B 2 2  ? 14.962  -0.624  -1.209  1.00 25.59 ? 14  G   B N7    1 
ATOM   287 C  C5    . G   B 2 2  ? 14.595  -1.552  -2.165  1.00 24.80 ? 14  G   B C5    1 
ATOM   288 C  C6    . G   B 2 2  ? 13.846  -2.736  -2.038  1.00 22.84 ? 14  G   B C6    1 
ATOM   289 O  O6    . G   B 2 2  ? 13.346  -3.208  -1.012  1.00 22.93 ? 14  G   B O6    1 
ATOM   290 N  N1    . G   B 2 2  ? 13.684  -3.386  -3.272  1.00 21.75 ? 14  G   B N1    1 
ATOM   291 C  C2    . G   B 2 2  ? 14.161  -2.928  -4.481  1.00 22.15 ? 14  G   B C2    1 
ATOM   292 N  N2    . G   B 2 2  ? 13.870  -3.699  -5.585  1.00 19.95 ? 14  G   B N2    1 
ATOM   293 N  N3    . G   B 2 2  ? 14.875  -1.794  -4.605  1.00 20.69 ? 14  G   B N3    1 
ATOM   294 C  C4    . G   B 2 2  ? 15.047  -1.178  -3.415  1.00 23.89 ? 14  G   B C4    1 
ATOM   295 P  P     . G   B 2 3  ? 12.913  3.846   -4.912  1.00 35.18 ? 15  G   B P     1 
ATOM   296 O  OP1   . G   B 2 3  ? 12.493  4.982   -5.784  1.00 36.95 ? 15  G   B OP1   1 
ATOM   297 O  OP2   . G   B 2 3  ? 12.560  3.853   -3.484  1.00 35.05 ? 15  G   B OP2   1 
ATOM   298 O  "O5'" . G   B 2 3  ? 12.350  2.516   -5.588  1.00 33.69 ? 15  G   B "O5'" 1 
ATOM   299 C  "C5'" . G   B 2 3  ? 12.617  2.244   -6.961  1.00 31.72 ? 15  G   B "C5'" 1 
ATOM   300 C  "C4'" . G   B 2 3  ? 11.924  0.974   -7.391  1.00 32.60 ? 15  G   B "C4'" 1 
ATOM   301 O  "O4'" . G   B 2 3  ? 12.503  -0.133  -6.656  1.00 29.77 ? 15  G   B "O4'" 1 
ATOM   302 C  "C3'" . G   B 2 3  ? 10.433  0.862   -7.066  1.00 34.77 ? 15  G   B "C3'" 1 
ATOM   303 O  "O3'" . G   B 2 3  ? 9.617   1.486   -8.069  1.00 41.22 ? 15  G   B "O3'" 1 
ATOM   304 C  "C2'" . G   B 2 3  ? 10.239  -0.639  -7.151  1.00 28.19 ? 15  G   B "C2'" 1 
ATOM   305 O  "O2'" . G   B 2 3  ? 10.286  -1.054  -8.496  1.00 32.16 ? 15  G   B "O2'" 1 
ATOM   306 C  "C1'" . G   B 2 3  ? 11.504  -1.137  -6.441  1.00 26.84 ? 15  G   B "C1'" 1 
ATOM   307 N  N9    . G   B 2 3  ? 11.258  -1.251  -5.008  1.00 23.52 ? 15  G   B N9    1 
ATOM   308 C  C8    . G   B 2 3  ? 11.648  -0.405  -3.996  1.00 23.23 ? 15  G   B C8    1 
ATOM   309 N  N7    . G   B 2 3  ? 11.266  -0.825  -2.807  1.00 24.41 ? 15  G   B N7    1 
ATOM   310 C  C5    . G   B 2 3  ? 10.562  -1.993  -3.070  1.00 23.65 ? 15  G   B C5    1 
ATOM   311 C  C6    . G   B 2 3  ? 9.869   -2.890  -2.183  1.00 23.50 ? 15  G   B C6    1 
ATOM   312 O  O6    . G   B 2 3  ? 9.742   -2.801  -0.972  1.00 25.10 ? 15  G   B O6    1 
ATOM   313 N  N1    . G   B 2 3  ? 9.295   -3.959  -2.867  1.00 23.55 ? 15  G   B N1    1 
ATOM   314 C  C2    . G   B 2 3  ? 9.390   -4.159  -4.230  1.00 20.22 ? 15  G   B C2    1 
ATOM   315 N  N2    . G   B 2 3  ? 8.825   -5.259  -4.734  1.00 20.39 ? 15  G   B N2    1 
ATOM   316 N  N3    . G   B 2 3  ? 10.015  -3.320  -5.055  1.00 20.46 ? 15  G   B N3    1 
ATOM   317 C  C4    . G   B 2 3  ? 10.565  -2.273  -4.413  1.00 21.19 ? 15  G   B C4    1 
ATOM   318 P  P     . A   B 2 4  ? 8.133   2.022   -7.682  1.00 44.61 ? 16  A   B P     1 
ATOM   319 O  OP1   . A   B 2 4  ? 7.737   2.673   -8.956  1.00 49.06 ? 16  A   B OP1   1 
ATOM   320 O  OP2   . A   B 2 4  ? 8.148   2.787   -6.428  1.00 44.97 ? 16  A   B OP2   1 
ATOM   321 O  "O5'" . A   B 2 4  ? 7.190   0.755   -7.375  1.00 37.41 ? 16  A   B "O5'" 1 
ATOM   322 C  "C5'" . A   B 2 4  ? 6.870   -0.129  -8.416  1.00 34.83 ? 16  A   B "C5'" 1 
ATOM   323 C  "C4'" . A   B 2 4  ? 6.230   -1.394  -7.906  1.00 33.03 ? 16  A   B "C4'" 1 
ATOM   324 O  "O4'" . A   B 2 4  ? 7.087   -2.079  -6.936  1.00 30.16 ? 16  A   B "O4'" 1 
ATOM   325 C  "C3'" . A   B 2 4  ? 4.916   -1.349  -7.152  1.00 30.55 ? 16  A   B "C3'" 1 
ATOM   326 O  "O3'" . A   B 2 4  ? 3.840   -1.039  -8.039  1.00 34.33 ? 16  A   B "O3'" 1 
ATOM   327 C  "C2'" . A   B 2 4  ? 4.863   -2.813  -6.747  1.00 29.95 ? 16  A   B "C2'" 1 
ATOM   328 O  "O2'" . A   B 2 4  ? 4.727   -3.591  -7.917  1.00 29.50 ? 16  A   B "O2'" 1 
ATOM   329 C  "C1'" . A   B 2 4  ? 6.295   -3.013  -6.227  1.00 28.75 ? 16  A   B "C1'" 1 
ATOM   330 N  N9    . A   B 2 4  ? 6.409   -2.662  -4.824  1.00 24.48 ? 16  A   B N9    1 
ATOM   331 C  C8    . A   B 2 4  ? 6.960   -1.524  -4.330  1.00 23.91 ? 16  A   B C8    1 
ATOM   332 N  N7    . A   B 2 4  ? 6.928   -1.447  -3.027  1.00 25.39 ? 16  A   B N7    1 
ATOM   333 C  C5    . A   B 2 4  ? 6.327   -2.635  -2.640  1.00 22.95 ? 16  A   B C5    1 
ATOM   334 C  C6    . A   B 2 4  ? 6.033   -3.159  -1.378  1.00 24.40 ? 16  A   B C6    1 
ATOM   335 N  N6    . A   B 2 4  ? 6.332   -2.508  -0.225  1.00 22.99 ? 16  A   B N6    1 
ATOM   336 N  N1    . A   B 2 4  ? 5.425   -4.372  -1.328  1.00 22.64 ? 16  A   B N1    1 
ATOM   337 C  C2    . A   B 2 4  ? 5.145   -4.999  -2.488  1.00 21.71 ? 16  A   B C2    1 
ATOM   338 N  N3    . A   B 2 4  ? 5.384   -4.592  -3.742  1.00 22.71 ? 16  A   B N3    1 
ATOM   339 C  C4    . A   B 2 4  ? 5.990   -3.389  -3.737  1.00 21.71 ? 16  A   B C4    1 
ATOM   340 P  P     . A   B 2 5  ? 2.461   -0.432  -7.448  1.00 32.93 ? 17  A   B P     1 
ATOM   341 O  OP1   . A   B 2 5  ? 1.844   0.136   -8.677  1.00 35.86 ? 17  A   B OP1   1 
ATOM   342 O  OP2   . A   B 2 5  ? 2.668   0.449   -6.262  1.00 29.41 ? 17  A   B OP2   1 
ATOM   343 O  "O5'" . A   B 2 5  ? 1.661   -1.737  -7.015  1.00 30.79 ? 17  A   B "O5'" 1 
ATOM   344 C  "C5'" . A   B 2 5  ? 1.504   -2.828  -7.916  1.00 32.10 ? 17  A   B "C5'" 1 
ATOM   345 C  "C4'" . A   B 2 5  ? 1.103   -4.062  -7.151  1.00 34.01 ? 17  A   B "C4'" 1 
ATOM   346 O  "O4'" . A   B 2 5  ? 2.173   -4.415  -6.234  1.00 33.77 ? 17  A   B "O4'" 1 
ATOM   347 C  "C3'" . A   B 2 5  ? -0.089  -3.869  -6.224  1.00 34.45 ? 17  A   B "C3'" 1 
ATOM   348 O  "O3'" . A   B 2 5  ? -1.322  -4.002  -6.922  1.00 35.26 ? 17  A   B "O3'" 1 
ATOM   349 C  "C2'" . A   B 2 5  ? 0.105   -5.001  -5.223  1.00 33.75 ? 17  A   B "C2'" 1 
ATOM   350 O  "O2'" . A   B 2 5  ? -0.281  -6.237  -5.785  1.00 37.11 ? 17  A   B "O2'" 1 
ATOM   351 C  "C1'" . A   B 2 5  ? 1.627   -4.962  -5.041  1.00 32.40 ? 17  A   B "C1'" 1 
ATOM   352 N  N9    . A   B 2 5  ? 1.980   -4.086  -3.934  1.00 28.60 ? 17  A   B N9    1 
ATOM   353 C  C8    . A   B 2 5  ? 2.443   -2.787  -3.961  1.00 26.58 ? 17  A   B C8    1 
ATOM   354 N  N7    . A   B 2 5  ? 2.665   -2.286  -2.780  1.00 28.49 ? 17  A   B N7    1 
ATOM   355 C  C5    . A   B 2 5  ? 2.325   -3.315  -1.912  1.00 27.48 ? 17  A   B C5    1 
ATOM   356 C  C6    . A   B 2 5  ? 2.348   -3.412  -0.509  1.00 28.31 ? 17  A   B C6    1 
ATOM   357 N  N6    . A   B 2 5  ? 2.786   -2.441  0.286   1.00 28.66 ? 17  A   B N6    1 
ATOM   358 N  N1    . A   B 2 5  ? 1.909   -4.564  0.050   1.00 27.09 ? 17  A   B N1    1 
ATOM   359 C  C2    . A   B 2 5  ? 1.510   -5.558  -0.758  1.00 28.24 ? 17  A   B C2    1 
ATOM   360 N  N3    . A   B 2 5  ? 1.463   -5.596  -2.102  1.00 29.39 ? 17  A   B N3    1 
ATOM   361 C  C4    . A   B 2 5  ? 1.889   -4.422  -2.614  1.00 29.19 ? 17  A   B C4    1 
ATOM   362 P  P     . G   B 2 6  ? -2.568  -3.071  -6.488  1.00 35.23 ? 18  G   B P     1 
ATOM   363 O  OP1   . G   B 2 6  ? -3.724  -3.519  -7.324  1.00 37.98 ? 18  G   B OP1   1 
ATOM   364 O  OP2   . G   B 2 6  ? -2.181  -1.655  -6.466  1.00 34.75 ? 18  G   B OP2   1 
ATOM   365 O  "O5'" . G   B 2 6  ? -2.859  -3.452  -4.977  1.00 34.41 ? 18  G   B "O5'" 1 
ATOM   366 C  "C5'" . G   B 2 6  ? -3.185  -4.782  -4.624  1.00 31.97 ? 18  G   B "C5'" 1 
ATOM   367 C  "C4'" . G   B 2 6  ? -3.082  -4.948  -3.135  1.00 32.33 ? 18  G   B "C4'" 1 
ATOM   368 O  "O4'" . G   B 2 6  ? -1.741  -4.543  -2.701  1.00 33.61 ? 18  G   B "O4'" 1 
ATOM   369 C  "C3'" . G   B 2 6  ? -3.983  -4.005  -2.364  1.00 30.24 ? 18  G   B "C3'" 1 
ATOM   370 O  "O3'" . G   B 2 6  ? -5.286  -4.550  -2.257  1.00 34.72 ? 18  G   B "O3'" 1 
ATOM   371 C  "C2'" . G   B 2 6  ? -3.283  -3.970  -1.015  1.00 31.95 ? 18  G   B "C2'" 1 
ATOM   372 O  "O2'" . G   B 2 6  ? -3.554  -5.125  -0.247  1.00 32.35 ? 18  G   B "O2'" 1 
ATOM   373 C  "C1'" . G   B 2 6  ? -1.813  -3.944  -1.427  1.00 30.55 ? 18  G   B "C1'" 1 
ATOM   374 N  N9    . G   B 2 6  ? -1.170  -2.623  -1.487  1.00 30.26 ? 18  G   B N9    1 
ATOM   375 C  C8    . G   B 2 6  ? -0.923  -1.876  -2.615  1.00 28.80 ? 18  G   B C8    1 
ATOM   376 N  N7    . G   B 2 6  ? -0.325  -0.741  -2.363  1.00 27.97 ? 18  G   B N7    1 
ATOM   377 C  C5    . G   B 2 6  ? -0.155  -0.742  -0.990  1.00 27.28 ? 18  G   B C5    1 
ATOM   378 C  C6    . G   B 2 6  ? 0.448   0.217   -0.150  1.00 26.50 ? 18  G   B C6    1 
ATOM   379 O  O6    . G   B 2 6  ? 0.969   1.280   -0.463  1.00 29.38 ? 18  G   B O6    1 
ATOM   380 N  N1    . G   B 2 6  ? 0.417   -0.170  1.186   1.00 25.31 ? 18  G   B N1    1 
ATOM   381 C  C2    . G   B 2 6  ? -0.123  -1.329  1.657   1.00 23.99 ? 18  G   B C2    1 
ATOM   382 N  N2    . G   B 2 6  ? -0.067  -1.494  2.999   1.00 24.05 ? 18  G   B N2    1 
ATOM   383 N  N3    . G   B 2 6  ? -0.686  -2.262  0.876   1.00 27.64 ? 18  G   B N3    1 
ATOM   384 C  C4    . G   B 2 6  ? -0.670  -1.897  -0.431  1.00 28.20 ? 18  G   B C4    1 
ATOM   385 P  P     . C   B 2 7  ? -6.493  -3.640  -1.689  1.00 36.26 ? 19  C   B P     1 
ATOM   386 O  OP1   . C   B 2 7  ? -7.652  -3.933  -2.529  1.00 36.23 ? 19  C   B OP1   1 
ATOM   387 O  OP2   . C   B 2 7  ? -6.062  -2.216  -1.592  1.00 33.70 ? 19  C   B OP2   1 
ATOM   388 O  "O5'" . C   B 2 7  ? -6.743  -4.247  -0.248  1.00 32.09 ? 19  C   B "O5'" 1 
ATOM   389 C  "C5'" . C   B 2 7  ? -7.169  -5.590  -0.086  1.00 32.82 ? 19  C   B "C5'" 1 
ATOM   390 C  "C4'" . C   B 2 7  ? -7.258  -5.963  1.386   1.00 30.77 ? 19  C   B "C4'" 1 
ATOM   391 O  "O4'" . C   B 2 7  ? -5.900  -6.102  1.920   1.00 31.74 ? 19  C   B "O4'" 1 
ATOM   392 C  "C3'" . C   B 2 7  ? -7.925  -4.982  2.357   1.00 30.73 ? 19  C   B "C3'" 1 
ATOM   393 O  "O3'" . C   B 2 7  ? -9.338  -5.108  2.414   1.00 31.53 ? 19  C   B "O3'" 1 
ATOM   394 C  "C2'" . C   B 2 7  ? -7.320  -5.402  3.693   1.00 30.59 ? 19  C   B "C2'" 1 
ATOM   395 O  "O2'" . C   B 2 7  ? -7.918  -6.523  4.298   1.00 34.15 ? 19  C   B "O2'" 1 
ATOM   396 C  "C1'" . C   B 2 7  ? -5.876  -5.709  3.284   1.00 29.71 ? 19  C   B "C1'" 1 
ATOM   397 N  N1    . C   B 2 7  ? -5.107  -4.458  3.388   1.00 25.80 ? 19  C   B N1    1 
ATOM   398 C  C2    . C   B 2 7  ? -4.687  -4.046  4.673   1.00 25.67 ? 19  C   B C2    1 
ATOM   399 O  O2    . C   B 2 7  ? -4.937  -4.790  5.660   1.00 25.47 ? 19  C   B O2    1 
ATOM   400 N  N3    . C   B 2 7  ? -4.033  -2.862  4.806   1.00 24.39 ? 19  C   B N3    1 
ATOM   401 C  C4    . C   B 2 7  ? -3.805  -2.097  3.736   1.00 25.64 ? 19  C   B C4    1 
ATOM   402 N  N4    . C   B 2 7  ? -3.175  -0.915  3.918   1.00 24.16 ? 19  C   B N4    1 
ATOM   403 C  C5    . C   B 2 7  ? -4.209  -2.501  2.408   1.00 25.62 ? 19  C   B C5    1 
ATOM   404 C  C6    . C   B 2 7  ? -4.839  -3.683  2.288   1.00 24.99 ? 19  C   B C6    1 
ATOM   405 P  P     . A   B 2 8  ? -10.239 -3.787  2.593   1.00 31.37 ? 20  A   B P     1 
ATOM   406 O  OP1   . A   B 2 8  ? -11.674 -4.214  2.548   1.00 33.62 ? 20  A   B OP1   1 
ATOM   407 O  OP2   . A   B 2 8  ? -9.763  -2.714  1.682   1.00 31.11 ? 20  A   B OP2   1 
ATOM   408 O  "O5'" . A   B 2 8  ? -9.918  -3.287  4.079   1.00 29.40 ? 20  A   B "O5'" 1 
ATOM   409 C  "C5'" . A   B 2 8  ? -10.346 -4.032  5.208   1.00 26.18 ? 20  A   B "C5'" 1 
ATOM   410 C  "C4'" . A   B 2 8  ? -9.804  -3.415  6.492   1.00 28.31 ? 20  A   B "C4'" 1 
ATOM   411 O  "O4'" . A   B 2 8  ? -8.351  -3.424  6.421   1.00 27.86 ? 20  A   B "O4'" 1 
ATOM   412 C  "C3'" . A   B 2 8  ? -10.108 -1.936  6.758   1.00 26.77 ? 20  A   B "C3'" 1 
ATOM   413 O  "O3'" . A   B 2 8  ? -11.400 -1.728  7.337   1.00 29.65 ? 20  A   B "O3'" 1 
ATOM   414 C  "C2'" . A   B 2 8  ? -9.042  -1.612  7.786   1.00 25.96 ? 20  A   B "C2'" 1 
ATOM   415 O  "O2'" . A   B 2 8  ? -9.321  -2.208  9.050   1.00 26.04 ? 20  A   B "O2'" 1 
ATOM   416 C  "C1'" . A   B 2 8  ? -7.829  -2.310  7.156   1.00 26.84 ? 20  A   B "C1'" 1 
ATOM   417 N  N9    . A   B 2 8  ? -7.191  -1.390  6.221   1.00 23.94 ? 20  A   B N9    1 
ATOM   418 C  C8    . A   B 2 8  ? -7.209  -1.406  4.844   1.00 21.95 ? 20  A   B C8    1 
ATOM   419 N  N7    . A   B 2 8  ? -6.546  -0.422  4.295   1.00 24.55 ? 20  A   B N7    1 
ATOM   420 C  C5    . A   B 2 8  ? -6.045  0.281   5.385   1.00 23.99 ? 20  A   B C5    1 
ATOM   421 C  C6    . A   B 2 8  ? -5.219  1.430   5.470   1.00 21.73 ? 20  A   B C6    1 
ATOM   422 N  N6    . A   B 2 8  ? -4.710  2.051   4.409   1.00 21.61 ? 20  A   B N6    1 
ATOM   423 N  N1    . A   B 2 8  ? -4.931  1.907   6.705   1.00 22.46 ? 20  A   B N1    1 
ATOM   424 C  C2    . A   B 2 8  ? -5.404  1.246   7.767   1.00 21.47 ? 20  A   B C2    1 
ATOM   425 N  N3    . A   B 2 8  ? -6.171  0.136   7.815   1.00 24.83 ? 20  A   B N3    1 
ATOM   426 C  C4    . A   B 2 8  ? -6.452  -0.293  6.569   1.00 22.52 ? 20  A   B C4    1 
ATOM   427 P  P     . G   B 2 9  ? -12.341 -0.585  6.745   1.00 28.73 ? 21  G   B P     1 
ATOM   428 O  OP1   . G   B 2 9  ? -13.603 -0.682  7.500   1.00 31.82 ? 21  G   B OP1   1 
ATOM   429 O  OP2   . G   B 2 9  ? -12.371 -0.515  5.263   1.00 27.14 ? 21  G   B OP2   1 
ATOM   430 O  "O5'" . G   B 2 9  ? -11.728 0.824   7.224   1.00 27.71 ? 21  G   B "O5'" 1 
ATOM   431 C  "C5'" . G   B 2 9  ? -11.559 1.071   8.603   1.00 25.55 ? 21  G   B "C5'" 1 
ATOM   432 C  "C4'" . G   B 2 9  ? -10.657 2.262   8.827   1.00 27.24 ? 21  G   B "C4'" 1 
ATOM   433 O  "O4'" . G   B 2 9  ? -9.365  1.997   8.250   1.00 23.82 ? 21  G   B "O4'" 1 
ATOM   434 C  "C3'" . G   B 2 9  ? -11.047 3.586   8.196   1.00 22.45 ? 21  G   B "C3'" 1 
ATOM   435 O  "O3'" . G   B 2 9  ? -11.984 4.268   9.019   1.00 22.97 ? 21  G   B "O3'" 1 
ATOM   436 C  "C2'" . G   B 2 9  ? -9.727  4.337   8.226   1.00 20.91 ? 21  G   B "C2'" 1 
ATOM   437 O  "O2'" . G   B 2 9  ? -9.414  4.760   9.545   1.00 20.47 ? 21  G   B "O2'" 1 
ATOM   438 C  "C1'" . G   B 2 9  ? -8.751  3.215   7.877   1.00 19.93 ? 21  G   B "C1'" 1 
ATOM   439 N  N9    . G   B 2 9  ? -8.453  3.163   6.458   1.00 21.41 ? 21  G   B N9    1 
ATOM   440 C  C8    . G   B 2 9  ? -8.853  2.186   5.552   1.00 22.68 ? 21  G   B C8    1 
ATOM   441 N  N7    . G   B 2 9  ? -8.440  2.420   4.338   1.00 22.60 ? 21  G   B N7    1 
ATOM   442 C  C5    . G   B 2 9  ? -7.734  3.615   4.431   1.00 20.86 ? 21  G   B C5    1 
ATOM   443 C  C6    . G   B 2 9  ? -7.042  4.367   3.443   1.00 21.21 ? 21  G   B C6    1 
ATOM   444 O  O6    . G   B 2 9  ? -6.915  4.127   2.221   1.00 26.25 ? 21  G   B O6    1 
ATOM   445 N  N1    . G   B 2 9  ? -6.454  5.507   3.980   1.00 23.13 ? 21  G   B N1    1 
ATOM   446 C  C2    . G   B 2 9  ? -6.533  5.898   5.283   1.00 20.42 ? 21  G   B C2    1 
ATOM   447 N  N2    . G   B 2 9  ? -5.943  7.094   5.612   1.00 19.92 ? 21  G   B N2    1 
ATOM   448 N  N3    . G   B 2 9  ? -7.166  5.194   6.223   1.00 20.80 ? 21  G   B N3    1 
ATOM   449 C  C4    . G   B 2 9  ? -7.730  4.084   5.738   1.00 19.69 ? 21  G   B C4    1 
HETATM 450 P  P     . CBV B 2 10 ? -13.088 5.197   8.310   1.00 23.24 ? 22  CBV B P     1 
HETATM 451 O  O1P   . CBV B 2 10 ? -13.747 4.477   7.206   1.00 23.94 ? 22  CBV B O1P   1 
HETATM 452 O  O2P   . CBV B 2 10 ? -13.917 5.788   9.442   1.00 22.87 ? 22  CBV B O2P   1 
HETATM 453 O  "O5'" . CBV B 2 10 ? -12.268 6.413   7.662   1.00 22.11 ? 22  CBV B "O5'" 1 
HETATM 454 C  "C5'" . CBV B 2 10 ? -11.648 7.397   8.489   1.00 18.95 ? 22  CBV B "C5'" 1 
HETATM 455 C  "C4'" . CBV B 2 10 ? -10.829 8.341   7.641   1.00 21.67 ? 22  CBV B "C4'" 1 
HETATM 456 O  "O4'" . CBV B 2 10 ? -9.728  7.626   7.010   1.00 22.02 ? 22  CBV B "O4'" 1 
HETATM 457 C  "C3'" . CBV B 2 10 ? -11.583 8.917   6.457   1.00 21.16 ? 22  CBV B "C3'" 1 
HETATM 458 O  "O3'" . CBV B 2 10 ? -12.387 9.982   6.931   1.00 23.00 ? 22  CBV B "O3'" 1 
HETATM 459 C  "C2'" . CBV B 2 10 ? -10.452 9.388   5.572   1.00 20.31 ? 22  CBV B "C2'" 1 
HETATM 460 C  "C1'" . CBV B 2 10 ? -9.466  8.209   5.740   1.00 21.66 ? 22  CBV B "C1'" 1 
HETATM 461 N  N1    . CBV B 2 10 ? -9.706  7.170   4.710   1.00 20.47 ? 22  CBV B N1    1 
HETATM 462 C  C2    . CBV B 2 10 ? -9.102  7.348   3.437   1.00 19.58 ? 22  CBV B C2    1 
HETATM 463 O  O2    . CBV B 2 10 ? -8.399  8.355   3.240   1.00 20.33 ? 22  CBV B O2    1 
HETATM 464 N  N3    . CBV B 2 10 ? -9.318  6.439   2.463   1.00 20.70 ? 22  CBV B N3    1 
HETATM 465 C  C4    . CBV B 2 10 ? -10.117 5.390   2.690   1.00 20.91 ? 22  CBV B C4    1 
HETATM 466 N  N4    . CBV B 2 10 ? -10.309 4.516   1.692   1.00 17.55 ? 22  CBV B N4    1 
HETATM 467 C  C5    . CBV B 2 10 ? -10.746 5.189   3.952   1.00 20.48 ? 22  CBV B C5    1 
HETATM 468 C  C6    . CBV B 2 10 ? -10.505 6.085   4.938   1.00 21.26 ? 22  CBV B C6    1 
HETATM 469 BR BR    . CBV B 2 10 ? -11.894 3.697   4.210   1.00 26.65 ? 22  CBV B BR    1 
ATOM   470 P  P     . G   B 2 11 ? -13.689 10.430  5.814   1.00 22.26 ? 23  G   B P     1 
ATOM   471 O  OP1   . G   B 2 11 ? -14.403 11.453  6.641   1.00 25.73 ? 23  G   B OP1   1 
ATOM   472 O  OP2   . G   B 2 11 ? -14.373 9.178   5.376   1.00 22.72 ? 23  G   B OP2   1 
ATOM   473 O  "O5'" . G   B 2 11 ? -12.956 11.042  4.558   1.00 19.30 ? 23  G   B "O5'" 1 
ATOM   474 C  "C5'" . G   B 2 11 ? -12.207 12.250  4.676   1.00 24.62 ? 23  G   B "C5'" 1 
ATOM   475 C  "C4'" . G   B 2 11 ? -11.647 12.618  3.321   1.00 24.78 ? 23  G   B "C4'" 1 
ATOM   476 O  "O4'" . G   B 2 11 ? -10.700 11.605  2.869   1.00 20.52 ? 23  G   B "O4'" 1 
ATOM   477 C  "C3'" . G   B 2 11 ? -12.699 12.622  2.229   1.00 25.12 ? 23  G   B "C3'" 1 
ATOM   478 O  "O3'" . G   B 2 11 ? -13.441 13.832  2.251   1.00 27.89 ? 23  G   B "O3'" 1 
ATOM   479 C  "C2'" . G   B 2 11 ? -11.843 12.475  0.987   1.00 22.85 ? 23  G   B "C2'" 1 
ATOM   480 O  "O2'" . G   B 2 11 ? -11.200 13.683  0.711   1.00 28.04 ? 23  G   B "O2'" 1 
ATOM   481 C  "C1'" . G   B 2 11 ? -10.815 11.446  1.459   1.00 21.85 ? 23  G   B "C1'" 1 
ATOM   482 N  N9    . G   B 2 11 ? -11.241 10.064  1.207   1.00 20.94 ? 23  G   B N9    1 
ATOM   483 C  C8    . G   B 2 11 ? -11.830 9.187   2.088   1.00 21.15 ? 23  G   B C8    1 
ATOM   484 N  N7    . G   B 2 11 ? -12.023 7.994   1.562   1.00 21.17 ? 23  G   B N7    1 
ATOM   485 C  C5    . G   B 2 11 ? -11.540 8.107   0.263   1.00 20.75 ? 23  G   B C5    1 
ATOM   486 C  C6    . G   B 2 11 ? -11.479 7.139   -0.820  1.00 22.33 ? 23  G   B C6    1 
ATOM   487 O  O6    . G   B 2 11 ? -11.782 5.927   -0.808  1.00 22.42 ? 23  G   B O6    1 
ATOM   488 N  N1    . G   B 2 11 ? -10.979 7.715   -1.996  1.00 22.02 ? 23  G   B N1    1 
ATOM   489 C  C2    . G   B 2 11 ? -10.571 9.037   -2.120  1.00 20.52 ? 23  G   B C2    1 
ATOM   490 N  N2    . G   B 2 11 ? -10.173 9.434   -3.331  1.00 19.87 ? 23  G   B N2    1 
ATOM   491 N  N3    . G   B 2 11 ? -10.580 9.923   -1.118  1.00 21.23 ? 23  G   B N3    1 
ATOM   492 C  C4    . G   B 2 11 ? -11.075 9.392   0.027   1.00 19.31 ? 23  G   B C4    1 
ATOM   493 P  P     . C   B 2 12 ? -14.971 13.839  1.708   1.00 28.35 ? 24  C   B P     1 
ATOM   494 O  OP1   . C   B 2 12 ? -15.440 15.228  2.109   1.00 31.76 ? 24  C   B OP1   1 
ATOM   495 O  OP2   . C   B 2 12 ? -15.708 12.705  2.208   1.00 22.98 ? 24  C   B OP2   1 
ATOM   496 O  "O5'" . C   B 2 12 ? -14.843 13.640  0.139   1.00 27.45 ? 24  C   B "O5'" 1 
ATOM   497 C  "C5'" . C   B 2 12 ? -14.234 14.593  -0.710  1.00 27.01 ? 24  C   B "C5'" 1 
ATOM   498 C  "C4'" . C   B 2 12 ? -14.145 14.041  -2.105  1.00 28.18 ? 24  C   B "C4'" 1 
ATOM   499 O  "O4'" . C   B 2 12 ? -13.251 12.904  -2.136  1.00 26.94 ? 24  C   B "O4'" 1 
ATOM   500 C  "C3'" . C   B 2 12 ? -15.440 13.474  -2.682  1.00 28.93 ? 24  C   B "C3'" 1 
ATOM   501 O  "O3'" . C   B 2 12 ? -16.242 14.577  -3.142  1.00 31.29 ? 24  C   B "O3'" 1 
ATOM   502 C  "C2'" . C   B 2 12 ? -14.904 12.602  -3.807  1.00 27.99 ? 24  C   B "C2'" 1 
ATOM   503 O  "O2'" . C   B 2 12 ? -14.479 13.352  -4.942  1.00 30.89 ? 24  C   B "O2'" 1 
ATOM   504 C  "C1'" . C   B 2 12 ? -13.675 11.991  -3.129  1.00 25.45 ? 24  C   B "C1'" 1 
ATOM   505 N  N1    . C   B 2 12 ? -14.026 10.710  -2.471  1.00 22.50 ? 24  C   B N1    1 
ATOM   506 C  C2    . C   B 2 12 ? -13.993 9.580   -3.265  1.00 20.00 ? 24  C   B C2    1 
ATOM   507 O  O2    . C   B 2 12 ? -13.774 9.734   -4.472  1.00 22.33 ? 24  C   B O2    1 
ATOM   508 N  N3    . C   B 2 12 ? -14.222 8.353   -2.718  1.00 21.53 ? 24  C   B N3    1 
ATOM   509 C  C4    . C   B 2 12 ? -14.542 8.258   -1.428  1.00 20.81 ? 24  C   B C4    1 
ATOM   510 N  N4    . C   B 2 12 ? -14.764 7.024   -0.917  1.00 22.17 ? 24  C   B N4    1 
ATOM   511 C  C5    . C   B 2 12 ? -14.655 9.425   -0.583  1.00 21.04 ? 24  C   B C5    1 
ATOM   512 C  C6    . C   B 2 12 ? -14.368 10.626  -1.145  1.00 22.29 ? 24  C   B C6    1 
HETATM 513 MG MG    . MG  C 3 .  ? 9.984   -11.955 7.261   0.50 39.47 ? 102 MG  A MG    1 
HETATM 514 MG MG    . MG  D 3 .  ? 3.813   4.196   -3.842  1.00 43.17 ? 103 MG  A MG    1 
HETATM 515 MG MG    . MG  E 3 .  ? 15.385  -9.190  0.792   1.00 41.97 ? 104 MG  A MG    1 
HETATM 516 CA CA    . CA  F 4 .  ? 5.391   -0.306  5.462   1.00 40.56 ? 112 CA  A CA    1 
HETATM 517 CA CA    . CA  G 4 .  ? 14.840  -12.555 -1.229  0.50 23.42 ? 113 CA  A CA    1 
HETATM 518 MG MG    . MG  H 3 .  ? 11.216  0.302   1.270   1.00 41.62 ? 101 MG  B MG    1 
HETATM 519 CA CA    . CA  I 4 .  ? -8.157  0.363   0.315   1.00 19.52 ? 111 CA  B CA    1 
HETATM 520 O  O     . HOH J 5 .  ? 6.933   -8.627  -5.700  1.00 28.52 ? 201 HOH A O     1 
HETATM 521 O  O     . HOH J 5 .  ? -2.811  -7.100  4.408   1.00 28.21 ? 203 HOH A O     1 
HETATM 522 O  O     . HOH J 5 .  ? -10.643 1.150   -3.191  1.00 37.40 ? 206 HOH A O     1 
HETATM 523 O  O     . HOH J 5 .  ? 8.542   -11.700 5.885   1.00 44.29 ? 208 HOH A O     1 
HETATM 524 O  O     . HOH J 5 .  ? -7.674  2.816   -3.747  1.00 27.17 ? 210 HOH A O     1 
HETATM 525 O  O     . HOH J 5 .  ? 14.922  -12.610 -10.167 1.00 25.76 ? 212 HOH A O     1 
HETATM 526 O  O     . HOH J 5 .  ? 16.359  -13.987 -0.269  1.00 26.09 ? 214 HOH A O     1 
HETATM 527 O  O     . HOH J 5 .  ? 16.001  -14.638 -6.594  1.00 26.45 ? 216 HOH A O     1 
HETATM 528 O  O     . HOH J 5 .  ? -1.562  -4.769  1.709   1.00 29.12 ? 217 HOH A O     1 
HETATM 529 O  O     . HOH J 5 .  ? 14.591  -8.760  -0.959  1.00 30.43 ? 220 HOH A O     1 
HETATM 530 O  O     . HOH J 5 .  ? -1.411  4.863   5.899   1.00 39.12 ? 227 HOH A O     1 
HETATM 531 O  O     . HOH J 5 .  ? 14.842  -10.199 -11.605 1.00 31.48 ? 228 HOH A O     1 
HETATM 532 O  O     . HOH J 5 .  ? -4.111  -6.195  10.426  1.00 39.77 ? 229 HOH A O     1 
HETATM 533 O  O     . HOH J 5 .  ? 9.775   -7.698  -9.069  1.00 37.61 ? 230 HOH A O     1 
HETATM 534 O  O     . HOH J 5 .  ? -3.583  7.857   3.851   1.00 37.43 ? 232 HOH A O     1 
HETATM 535 O  O     . HOH J 5 .  ? 16.328  -11.258 -2.742  1.00 41.18 ? 233 HOH A O     1 
HETATM 536 O  O     . HOH J 5 .  ? 14.952  -11.323 0.425   1.00 34.52 ? 234 HOH A O     1 
HETATM 537 O  O     . HOH J 5 .  ? 18.138  -11.790 -7.641  1.00 38.00 ? 235 HOH A O     1 
HETATM 538 O  O     . HOH J 5 .  ? 5.032   0.945   4.095   1.00 39.15 ? 236 HOH A O     1 
HETATM 539 O  O     . HOH J 5 .  ? 3.027   -0.615  5.131   1.00 42.96 ? 240 HOH A O     1 
HETATM 540 O  O     . HOH J 5 .  ? 5.060   -1.828  3.840   1.00 39.70 ? 242 HOH A O     1 
HETATM 541 O  O     . HOH J 5 .  ? 14.646  -7.137  1.255   1.00 35.38 ? 243 HOH A O     1 
HETATM 542 O  O     . HOH J 5 .  ? -0.173  4.502   -3.053  1.00 40.58 ? 244 HOH A O     1 
HETATM 543 O  O     . HOH J 5 .  ? 17.629  -9.482  -0.181  1.00 38.31 ? 245 HOH A O     1 
HETATM 544 O  O     . HOH J 5 .  ? 5.606   -14.994 3.404   1.00 49.44 ? 246 HOH A O     1 
HETATM 545 O  O     . HOH J 5 .  ? 4.177   -2.233  6.795   1.00 41.25 ? 247 HOH A O     1 
HETATM 546 O  O     . HOH J 5 .  ? 9.066   -5.518  3.645   1.00 41.74 ? 248 HOH A O     1 
HETATM 547 O  O     . HOH J 5 .  ? 7.739   -9.181  -8.097  1.00 39.62 ? 256 HOH A O     1 
HETATM 548 O  O     . HOH J 5 .  ? 3.463   2.842   1.408   1.00 37.87 ? 257 HOH A O     1 
HETATM 549 O  O     . HOH J 5 .  ? -7.400  2.100   -6.536  1.00 34.39 ? 258 HOH A O     1 
HETATM 550 O  O     . HOH J 5 .  ? 0.106   -10.298 5.777   1.00 51.60 ? 259 HOH A O     1 
HETATM 551 O  O     . HOH J 5 .  ? 6.570   -0.711  7.131   1.00 51.80 ? 261 HOH A O     1 
HETATM 552 O  O     . HOH J 5 .  ? 7.617   -0.507  5.074   0.00 52.97 ? 262 HOH A O     1 
HETATM 553 O  O     . HOH J 5 .  ? 14.683  -12.817 3.035   1.00 43.56 ? 265 HOH A O     1 
HETATM 554 O  O     . HOH J 5 .  ? 5.560   4.449   -2.745  1.00 47.92 ? 270 HOH A O     1 
HETATM 555 O  O     . HOH J 5 .  ? -3.851  -1.661  -0.907  1.00 64.52 ? 273 HOH A O     1 
HETATM 556 O  O     . HOH J 5 .  ? 11.968  -5.419  -7.889  1.00 42.89 ? 276 HOH A O     1 
HETATM 557 O  O     . HOH J 5 .  ? 11.936  -7.770  -9.952  1.00 45.35 ? 278 HOH A O     1 
HETATM 558 O  O     . HOH J 5 .  ? -5.877  11.039  -2.030  1.00 40.79 ? 279 HOH A O     1 
HETATM 559 O  O     . HOH J 5 .  ? 9.514   -13.651 6.641   1.00 47.48 ? 280 HOH A O     1 
HETATM 560 O  O     . HOH J 5 .  ? -6.968  7.935   -11.372 1.00 44.67 ? 285 HOH A O     1 
HETATM 561 O  O     . HOH J 5 .  ? 3.482   9.577   -6.039  0.50 58.12 ? 286 HOH A O     1 
HETATM 562 O  O     . HOH J 5 .  ? -1.030  -5.556  11.113  1.00 47.69 ? 287 HOH A O     1 
HETATM 563 O  O     . HOH J 5 .  ? 4.939   7.201   -1.898  1.00 55.13 ? 291 HOH A O     1 
HETATM 564 O  O     . HOH J 5 .  ? -7.150  12.004  0.409   1.00 45.48 ? 292 HOH A O     1 
HETATM 565 O  O     . HOH J 5 .  ? 6.219   -5.416  6.706   1.00 46.48 ? 293 HOH A O     1 
HETATM 566 O  O     . HOH J 5 .  ? -13.929 5.978   -9.888  1.00 50.27 ? 294 HOH A O     1 
HETATM 567 O  O     . HOH J 5 .  ? 2.220   -11.483 9.362   1.00 50.14 ? 298 HOH A O     1 
HETATM 568 O  O     . HOH J 5 .  ? -3.507  12.360  -1.471  1.00 46.72 ? 300 HOH A O     1 
HETATM 569 O  O     . HOH J 5 .  ? 3.745   5.464   4.211   1.00 47.39 ? 302 HOH A O     1 
HETATM 570 O  O     . HOH J 5 .  ? 6.813   7.349   -0.132  1.00 45.10 ? 306 HOH A O     1 
HETATM 571 O  O     . HOH J 5 .  ? -4.957  -8.115  6.332   1.00 48.09 ? 307 HOH A O     1 
HETATM 572 O  O     . HOH J 5 .  ? 12.165  -6.363  2.087   1.00 32.25 ? 309 HOH A O     1 
HETATM 573 O  O     . HOH J 5 .  ? 10.338  -9.605  2.484   1.00 46.45 ? 310 HOH A O     1 
HETATM 574 O  O     . HOH J 5 .  ? 8.103   -8.289  4.584   1.00 46.69 ? 311 HOH A O     1 
HETATM 575 O  O     . HOH K 5 .  ? 5.068   -6.582  -5.376  1.00 29.21 ? 202 HOH B O     1 
HETATM 576 O  O     . HOH K 5 .  ? -5.879  -4.904  8.176   1.00 28.69 ? 204 HOH B O     1 
HETATM 577 O  O     . HOH K 5 .  ? -11.990 1.774   1.025   1.00 20.60 ? 205 HOH B O     1 
HETATM 578 O  O     . HOH K 5 .  ? -13.813 6.354   2.580   1.00 27.84 ? 207 HOH B O     1 
HETATM 579 O  O     . HOH K 5 .  ? 8.385   -5.703  -7.636  1.00 30.63 ? 209 HOH B O     1 
HETATM 580 O  O     . HOH K 5 .  ? -9.606  -0.890  -0.724  1.00 29.56 ? 213 HOH B O     1 
HETATM 581 O  O     . HOH K 5 .  ? -7.219  6.221   9.044   1.00 28.34 ? 215 HOH B O     1 
HETATM 582 O  O     . HOH K 5 .  ? -9.311  0.277   2.071   1.00 29.56 ? 218 HOH B O     1 
HETATM 583 O  O     . HOH K 5 .  ? -7.107  0.368   -1.417  1.00 32.54 ? 219 HOH B O     1 
HETATM 584 O  O     . HOH K 5 .  ? -13.543 4.448   0.538   1.00 28.75 ? 221 HOH B O     1 
HETATM 585 O  O     . HOH K 5 .  ? -6.730  1.817   1.351   1.00 29.11 ? 222 HOH B O     1 
HETATM 586 O  O     . HOH K 5 .  ? -14.490 8.114   10.651  1.00 26.95 ? 223 HOH B O     1 
HETATM 587 O  O     . HOH K 5 .  ? -13.593 0.957   3.662   1.00 35.44 ? 224 HOH B O     1 
HETATM 588 O  O     . HOH K 5 .  ? 0.728   1.027   -4.175  1.00 39.55 ? 225 HOH B O     1 
HETATM 589 O  O     . HOH K 5 .  ? -15.340 9.899   2.627   1.00 33.70 ? 226 HOH B O     1 
HETATM 590 O  O     . HOH K 5 .  ? -11.058 5.282   11.712  1.00 32.81 ? 231 HOH B O     1 
HETATM 591 O  O     . HOH K 5 .  ? 3.697   0.264   -2.596  1.00 38.29 ? 237 HOH B O     1 
HETATM 592 O  O     . HOH K 5 .  ? -14.365 6.440   5.191   1.00 36.10 ? 238 HOH B O     1 
HETATM 593 O  O     . HOH K 5 .  ? 9.734   -3.486  -8.711  1.00 47.46 ? 239 HOH B O     1 
HETATM 594 O  O     . HOH K 5 .  ? -3.188  0.071   -5.304  1.00 38.83 ? 241 HOH B O     1 
HETATM 595 O  O     . HOH K 5 .  ? -13.608 -2.688  3.995   1.00 43.22 ? 249 HOH B O     1 
HETATM 596 O  O     . HOH K 5 .  ? 11.146  2.396   0.828   1.00 44.62 ? 250 HOH B O     1 
HETATM 597 O  O     . HOH K 5 .  ? 8.181   1.524   -4.559  1.00 49.82 ? 251 HOH B O     1 
HETATM 598 O  O     . HOH K 5 .  ? -8.536  -5.223  9.004   1.00 39.54 ? 252 HOH B O     1 
HETATM 599 O  O     . HOH K 5 .  ? 4.246   -6.187  -7.874  1.00 46.43 ? 253 HOH B O     1 
HETATM 600 O  O     . HOH K 5 .  ? -16.534 14.622  -6.408  1.00 43.97 ? 254 HOH B O     1 
HETATM 601 O  O     . HOH K 5 .  ? 10.794  0.547   -0.672  1.00 53.17 ? 255 HOH B O     1 
HETATM 602 O  O     . HOH K 5 .  ? 5.088   1.945   -4.290  1.00 41.89 ? 260 HOH B O     1 
HETATM 603 O  O     . HOH K 5 .  ? -7.366  -1.056  0.947   1.00 34.76 ? 263 HOH B O     1 
HETATM 604 O  O     . HOH K 5 .  ? -10.151 -3.818  -2.316  1.00 46.63 ? 266 HOH B O     1 
HETATM 605 O  O     . HOH K 5 .  ? -3.782  0.616   -9.028  1.00 46.95 ? 267 HOH B O     1 
HETATM 606 O  O     . HOH K 5 .  ? -1.182  2.244   -5.962  1.00 51.53 ? 268 HOH B O     1 
HETATM 607 O  O     . HOH K 5 .  ? 9.621   0.203   2.224   1.00 55.32 ? 269 HOH B O     1 
HETATM 608 O  O     . HOH K 5 .  ? 2.158   3.324   -5.231  1.00 58.79 ? 271 HOH B O     1 
HETATM 609 O  O     . HOH K 5 .  ? 13.797  -0.231  1.478   1.00 47.82 ? 272 HOH B O     1 
HETATM 610 O  O     . HOH K 5 .  ? -13.335 16.954  2.803   1.00 42.37 ? 274 HOH B O     1 
HETATM 611 O  O     . HOH K 5 .  ? -9.695  12.327  -4.117  1.00 40.73 ? 275 HOH B O     1 
HETATM 612 O  O     . HOH K 5 .  ? -17.519 10.010  8.035   1.00 53.61 ? 277 HOH B O     1 
HETATM 613 O  O     . HOH K 5 .  ? -11.343 16.441  1.818   1.00 47.93 ? 281 HOH B O     1 
HETATM 614 O  O     . HOH K 5 .  ? -16.251 7.051   1.632   1.00 44.13 ? 282 HOH B O     1 
HETATM 615 O  O     . HOH K 5 .  ? -18.944 13.696  -5.434  1.00 45.02 ? 283 HOH B O     1 
HETATM 616 O  O     . HOH K 5 .  ? -9.652  12.628  -1.337  1.00 46.48 ? 284 HOH B O     1 
HETATM 617 O  O     . HOH K 5 .  ? -18.571 14.375  -1.878  1.00 50.14 ? 288 HOH B O     1 
HETATM 618 O  O     . HOH K 5 .  ? -16.328 9.850   10.068  1.00 51.28 ? 290 HOH B O     1 
HETATM 619 O  O     . HOH K 5 .  ? -16.920 7.897   6.670   1.00 53.15 ? 295 HOH B O     1 
HETATM 620 O  O     . HOH K 5 .  ? -6.559  -3.482  -6.331  1.00 53.73 ? 296 HOH B O     1 
HETATM 621 O  O     . HOH K 5 .  ? -7.743  -1.505  -4.014  1.00 50.82 ? 297 HOH B O     1 
HETATM 622 O  O     . HOH K 5 .  ? -1.255  -0.118  -8.383  1.00 48.01 ? 299 HOH B O     1 
HETATM 623 O  O     . HOH K 5 .  ? 3.922   0.309   -0.017  1.00 43.67 ? 301 HOH B O     1 
HETATM 624 O  O     . HOH K 5 .  ? -8.341  -7.987  10.253  1.00 48.00 ? 303 HOH B O     1 
HETATM 625 O  O     . HOH K 5 .  ? 10.097  2.444   -2.497  1.00 43.58 ? 304 HOH B O     1 
HETATM 626 O  O     . HOH K 5 .  ? 2.394   2.685   -2.533  1.00 45.87 ? 308 HOH B O     1 
# 
